data_7SHU
#
_entry.id   7SHU
#
_cell.length_a   90.070
_cell.length_b   176.120
_cell.length_c   142.760
_cell.angle_alpha   90.000
_cell.angle_beta   90.000
_cell.angle_gamma   90.000
#
_symmetry.space_group_name_H-M   'C 2 2 21'
#
loop_
_entity.id
_entity.type
_entity.pdbx_description
1 polymer 'omalizumab variant C02 VH'
2 polymer 'omalizumab variant C02 VL'
3 polymer 'Immunoglobulin heavy constant epsilon'
4 branched alpha-D-mannopyranose-(1-3)-beta-D-mannopyranose-(1-4)-2-acetamido-2-deoxy-beta-D-glucopyranose-(1-4)-2-acetamido-2-deoxy-beta-D-glucopyranose
5 branched beta-D-mannopyranose-(1-4)-[alpha-D-mannopyranose-(1-6)]2-acetamido-2-deoxy-beta-D-glucopyranose
6 non-polymer 2-acetamido-2-deoxy-beta-D-glucopyranose
7 non-polymer 1,2-ETHANEDIOL
8 non-polymer 'PHOSPHATE ION'
9 water water
#
loop_
_entity_poly.entity_id
_entity_poly.type
_entity_poly.pdbx_seq_one_letter_code
_entity_poly.pdbx_strand_id
1 'polypeptide(L)'
;SEVQLVESGGGLVQPDGSLRLSCAVSGYNITSGYSWNWIRQTPGKGLEWVASVTYDGSTNYNPSVKGRITISRDGSKNTF
YLQMNSLRAEDTAVYYCAKGNNYFGHWHFAVWGQGTLVTVSSG
;
E,C
2 'polypeptide(L)'
;GSDIQLTQSPSSLSASVGDRVTITCRASKSVDSDGDSYMNWYQQKPGRAPKLLIYAASYLESGVPSRFSGSGSGTDFTLT
ISSLQPEDFATYYCQQSHEDPYTFGQGTKVEIKGGSENLYFQGGSGHHHHHHHH
;
F,D
3 'polypeptide(L)'
;GSCADSNPRGVSAYLSRPSPFDLFIRKSPTITCLVVDLAPSKGTVNLTWSRASGKPVNHSTRKEEKQRNGTLTVTSTLPV
GTRDWIEGETYQCRVTHPHLPRALMRSTTKTSGPRAAPEVYAFATPEWPGSRDKRTLACLIQNFMPEDISVQWLHNEVQL
PDARHSTTQPRKTKGSGFFVFSRLEVTRAEWEQKDEFICRAVHEAASPSQTVQRAVSVNP
;
B,A
#
# COMPACT_ATOMS: atom_id res chain seq x y z
N GLU A 2 2.63 12.31 -4.66
CA GLU A 2 2.81 13.70 -4.29
C GLU A 2 2.36 14.65 -5.40
N VAL A 3 2.46 15.95 -5.14
CA VAL A 3 2.00 16.98 -6.07
C VAL A 3 3.20 17.56 -6.80
N GLN A 4 3.11 17.60 -8.13
CA GLN A 4 4.14 18.16 -8.99
C GLN A 4 3.51 19.17 -9.92
N LEU A 5 4.10 20.36 -9.99
CA LEU A 5 3.59 21.45 -10.80
C LEU A 5 4.56 21.74 -11.94
N VAL A 6 4.04 21.84 -13.16
CA VAL A 6 4.84 22.06 -14.35
C VAL A 6 4.25 23.26 -15.10
N GLU A 7 4.99 24.37 -15.12
CA GLU A 7 4.57 25.54 -15.86
C GLU A 7 4.93 25.40 -17.34
N SER A 8 4.28 26.20 -18.17
CA SER A 8 4.59 26.27 -19.59
C SER A 8 3.92 27.50 -20.17
N GLY A 9 4.35 27.88 -21.37
CA GLY A 9 3.80 29.03 -22.06
C GLY A 9 4.62 30.28 -21.98
N GLY A 10 5.77 30.25 -21.33
CA GLY A 10 6.62 31.42 -21.22
C GLY A 10 7.55 31.57 -22.41
N GLY A 11 7.93 32.82 -22.67
CA GLY A 11 8.82 33.11 -23.78
C GLY A 11 8.90 34.61 -24.01
N LEU A 12 9.45 34.96 -25.17
CA LEU A 12 9.56 36.36 -25.55
C LEU A 12 8.21 36.88 -26.04
N VAL A 13 7.84 38.07 -25.58
CA VAL A 13 6.57 38.67 -25.93
C VAL A 13 6.75 40.18 -26.04
N GLN A 14 5.95 40.82 -26.94
CA GLN A 14 5.98 42.24 -27.20
C GLN A 14 5.06 42.99 -26.25
N PRO A 15 5.39 44.24 -25.93
CA PRO A 15 4.51 45.03 -25.06
C PRO A 15 3.12 45.19 -25.68
N ASP A 16 2.12 45.32 -24.82
CA ASP A 16 0.70 45.43 -25.18
C ASP A 16 0.14 44.12 -25.70
N GLY A 17 0.94 43.07 -25.79
CA GLY A 17 0.47 41.78 -26.25
C GLY A 17 -0.33 41.06 -25.19
N SER A 18 -0.51 39.77 -25.40
CA SER A 18 -1.25 38.93 -24.47
C SER A 18 -0.62 37.55 -24.46
N LEU A 19 -0.38 37.02 -23.26
CA LEU A 19 0.26 35.72 -23.09
C LEU A 19 -0.55 34.91 -22.09
N ARG A 20 -0.55 33.59 -22.29
CA ARG A 20 -1.28 32.66 -21.43
C ARG A 20 -0.30 31.61 -20.92
N LEU A 21 -0.22 31.49 -19.60
CA LEU A 21 0.62 30.49 -18.95
C LEU A 21 -0.26 29.41 -18.33
N SER A 22 0.25 28.18 -18.34
CA SER A 22 -0.48 27.04 -17.78
C SER A 22 0.37 26.33 -16.75
N CYS A 23 -0.32 25.73 -15.77
CA CYS A 23 0.31 24.93 -14.73
C CYS A 23 -0.36 23.56 -14.72
N ALA A 24 0.39 22.53 -15.12
CA ALA A 24 -0.11 21.16 -15.16
C ALA A 24 0.19 20.47 -13.85
N VAL A 25 -0.86 20.18 -13.06
CA VAL A 25 -0.71 19.56 -11.75
C VAL A 25 -0.87 18.05 -11.90
N SER A 26 -0.05 17.31 -11.15
CA SER A 26 -0.14 15.86 -11.12
C SER A 26 -0.09 15.38 -9.68
N GLY A 27 -0.81 14.30 -9.41
CA GLY A 27 -0.86 13.72 -8.08
C GLY A 27 -2.00 14.22 -7.21
N TYR A 28 -2.63 15.33 -7.58
CA TYR A 28 -3.76 15.85 -6.83
C TYR A 28 -4.65 16.65 -7.77
N ASN A 29 -5.96 16.56 -7.54
CA ASN A 29 -6.95 17.24 -8.36
C ASN A 29 -7.21 18.62 -7.78
N ILE A 30 -7.05 19.66 -8.61
CA ILE A 30 -7.15 21.02 -8.13
C ILE A 30 -8.56 21.38 -7.68
N THR A 31 -9.57 20.63 -8.11
CA THR A 31 -10.92 20.88 -7.60
C THR A 31 -11.16 20.25 -6.26
N SER A 32 -10.19 19.51 -5.72
CA SER A 32 -10.40 18.78 -4.47
C SER A 32 -10.15 19.65 -3.25
N GLY A 33 -9.16 20.54 -3.31
CA GLY A 33 -8.92 21.44 -2.20
C GLY A 33 -7.72 22.32 -2.45
N TYR A 34 -7.31 23.01 -1.38
CA TYR A 34 -6.12 23.86 -1.42
C TYR A 34 -6.26 25.02 -2.38
N SER A 35 -5.37 25.99 -2.26
CA SER A 35 -5.33 27.13 -3.16
C SER A 35 -4.30 26.89 -4.25
N TRP A 36 -4.49 27.54 -5.38
CA TRP A 36 -3.61 27.38 -6.53
C TRP A 36 -3.23 28.76 -7.04
N ASN A 37 -1.96 29.12 -6.90
CA ASN A 37 -1.53 30.51 -7.00
C ASN A 37 -0.48 30.70 -8.10
N TRP A 38 -0.34 31.95 -8.50
CA TRP A 38 0.70 32.38 -9.42
C TRP A 38 1.56 33.43 -8.73
N ILE A 39 2.87 33.22 -8.74
CA ILE A 39 3.80 34.11 -8.07
C ILE A 39 4.99 34.31 -9.01
N ARG A 40 5.29 35.56 -9.33
CA ARG A 40 6.33 35.88 -10.28
C ARG A 40 7.53 36.50 -9.59
N GLN A 41 8.69 36.34 -10.21
CA GLN A 41 9.95 36.89 -9.71
C GLN A 41 10.67 37.60 -10.84
N THR A 42 10.95 38.87 -10.65
CA THR A 42 11.85 39.54 -11.58
C THR A 42 13.28 39.10 -11.29
N PRO A 43 14.00 38.57 -12.28
CA PRO A 43 15.36 38.06 -12.01
C PRO A 43 16.23 39.11 -11.34
N GLY A 44 16.99 38.68 -10.34
CA GLY A 44 17.79 39.58 -9.54
C GLY A 44 17.01 40.45 -8.58
N LYS A 45 15.69 40.28 -8.48
CA LYS A 45 14.89 41.11 -7.59
C LYS A 45 13.94 40.26 -6.76
N GLY A 46 12.95 40.91 -6.14
CA GLY A 46 12.10 40.23 -5.20
C GLY A 46 10.94 39.50 -5.85
N LEU A 47 10.18 38.83 -4.99
CA LEU A 47 9.10 37.94 -5.40
C LEU A 47 7.76 38.59 -5.11
N GLU A 48 6.78 38.39 -5.99
CA GLU A 48 5.46 39.01 -5.86
C GLU A 48 4.34 38.03 -6.18
N TRP A 49 3.32 38.00 -5.33
CA TRP A 49 2.15 37.17 -5.54
C TRP A 49 1.18 37.85 -6.51
N VAL A 50 0.67 37.09 -7.47
CA VAL A 50 -0.11 37.63 -8.57
C VAL A 50 -1.61 37.35 -8.41
N ALA A 51 -1.99 36.07 -8.40
CA ALA A 51 -3.40 35.70 -8.35
C ALA A 51 -3.54 34.28 -7.81
N SER A 52 -4.75 33.95 -7.36
CA SER A 52 -5.03 32.65 -6.77
C SER A 52 -6.46 32.23 -7.10
N VAL A 53 -6.63 30.93 -7.33
CA VAL A 53 -7.94 30.32 -7.49
C VAL A 53 -8.02 29.15 -6.52
N THR A 54 -9.09 29.12 -5.72
CA THR A 54 -9.26 28.05 -4.76
C THR A 54 -9.99 26.87 -5.41
N TYR A 55 -10.09 25.76 -4.66
CA TYR A 55 -10.70 24.55 -5.19
C TYR A 55 -12.16 24.75 -5.57
N ASP A 56 -12.81 25.80 -5.06
CA ASP A 56 -14.21 26.08 -5.34
C ASP A 56 -14.41 27.07 -6.48
N GLY A 57 -13.34 27.51 -7.13
CA GLY A 57 -13.43 28.47 -8.21
C GLY A 57 -13.25 29.93 -7.80
N SER A 58 -13.16 30.21 -6.51
CA SER A 58 -13.00 31.60 -6.07
C SER A 58 -11.64 32.14 -6.51
N THR A 59 -11.65 33.32 -7.11
CA THR A 59 -10.45 33.95 -7.64
C THR A 59 -10.09 35.16 -6.81
N ASN A 60 -8.79 35.33 -6.56
CA ASN A 60 -8.27 36.48 -5.84
C ASN A 60 -7.06 37.01 -6.60
N TYR A 61 -7.00 38.33 -6.76
CA TYR A 61 -5.99 38.97 -7.59
C TYR A 61 -5.18 39.98 -6.77
N ASN A 62 -3.95 40.18 -7.20
CA ASN A 62 -3.14 41.25 -6.65
C ASN A 62 -3.54 42.56 -7.29
N PRO A 63 -3.91 43.59 -6.52
CA PRO A 63 -4.43 44.82 -7.13
C PRO A 63 -3.43 45.50 -8.06
N SER A 64 -2.13 45.24 -7.90
CA SER A 64 -1.13 45.86 -8.77
C SER A 64 -1.22 45.33 -10.20
N VAL A 65 -1.95 44.24 -10.41
CA VAL A 65 -2.14 43.68 -11.73
C VAL A 65 -3.61 43.51 -12.08
N LYS A 66 -4.51 43.93 -11.20
CA LYS A 66 -5.93 43.74 -11.43
C LYS A 66 -6.41 44.58 -12.60
N GLY A 67 -7.31 44.00 -13.40
CA GLY A 67 -7.86 44.63 -14.57
C GLY A 67 -7.23 44.17 -15.87
N ARG A 68 -5.94 43.83 -15.85
CA ARG A 68 -5.25 43.37 -17.05
C ARG A 68 -5.04 41.87 -17.07
N ILE A 69 -5.07 41.22 -15.91
CA ILE A 69 -4.75 39.82 -15.78
C ILE A 69 -5.97 39.09 -15.23
N THR A 70 -6.01 37.77 -15.50
CA THR A 70 -7.11 36.93 -15.08
C THR A 70 -6.61 35.50 -14.95
N ILE A 71 -7.16 34.78 -13.96
CA ILE A 71 -6.75 33.42 -13.65
C ILE A 71 -7.93 32.49 -13.88
N SER A 72 -7.70 31.40 -14.61
CA SER A 72 -8.74 30.47 -15.00
C SER A 72 -8.43 29.07 -14.50
N ARG A 73 -9.41 28.19 -14.63
CA ARG A 73 -9.29 26.82 -14.13
C ARG A 73 -10.00 25.87 -15.09
N ASP A 74 -9.41 24.70 -15.29
CA ASP A 74 -9.97 23.65 -16.13
C ASP A 74 -9.89 22.34 -15.34
N GLY A 75 -11.02 21.94 -14.75
CA GLY A 75 -11.02 20.74 -13.92
C GLY A 75 -10.76 19.47 -14.68
N SER A 76 -11.26 19.36 -15.92
CA SER A 76 -11.08 18.13 -16.69
C SER A 76 -9.61 17.88 -17.02
N LYS A 77 -8.87 18.93 -17.37
CA LYS A 77 -7.45 18.82 -17.65
C LYS A 77 -6.59 19.03 -16.40
N ASN A 78 -7.20 19.24 -15.25
CA ASN A 78 -6.49 19.45 -13.99
C ASN A 78 -5.40 20.50 -14.15
N THR A 79 -5.76 21.61 -14.80
CA THR A 79 -4.81 22.67 -15.12
C THR A 79 -5.48 24.01 -14.84
N PHE A 80 -4.71 24.94 -14.30
CA PHE A 80 -5.15 26.31 -14.14
C PHE A 80 -4.21 27.21 -14.91
N TYR A 81 -4.76 28.31 -15.44
CA TYR A 81 -4.05 29.17 -16.37
C TYR A 81 -3.95 30.59 -15.83
N LEU A 82 -3.05 31.36 -16.44
CA LEU A 82 -2.91 32.79 -16.16
C LEU A 82 -2.83 33.53 -17.49
N GLN A 83 -3.89 34.26 -17.83
CA GLN A 83 -3.93 35.04 -19.05
C GLN A 83 -3.50 36.47 -18.73
N MET A 84 -2.45 36.94 -19.39
CA MET A 84 -1.94 38.29 -19.19
C MET A 84 -2.25 39.13 -20.42
N ASN A 85 -2.64 40.38 -20.18
CA ASN A 85 -2.97 41.30 -21.27
C ASN A 85 -2.28 42.64 -21.01
N SER A 86 -1.87 43.30 -22.10
CA SER A 86 -1.17 44.58 -22.03
C SER A 86 0.14 44.42 -21.25
N LEU A 87 1.03 43.59 -21.81
CA LEU A 87 2.31 43.33 -21.16
C LEU A 87 3.14 44.60 -21.05
N ARG A 88 3.88 44.71 -19.94
CA ARG A 88 4.80 45.82 -19.71
C ARG A 88 6.15 45.27 -19.30
N ALA A 89 7.17 46.15 -19.33
CA ALA A 89 8.48 45.76 -18.82
C ALA A 89 8.42 45.36 -17.36
N GLU A 90 7.49 45.92 -16.59
CA GLU A 90 7.29 45.51 -15.20
C GLU A 90 6.85 44.05 -15.10
N ASP A 91 6.23 43.51 -16.16
CA ASP A 91 5.74 42.13 -16.14
C ASP A 91 6.82 41.11 -16.48
N THR A 92 7.96 41.54 -17.00
CA THR A 92 9.05 40.61 -17.28
C THR A 92 9.52 39.96 -15.97
N ALA A 93 9.37 38.65 -15.88
CA ALA A 93 9.64 37.94 -14.65
C ALA A 93 9.53 36.44 -14.90
N VAL A 94 10.05 35.67 -13.95
CA VAL A 94 9.85 34.22 -13.93
C VAL A 94 8.57 33.95 -13.16
N TYR A 95 7.65 33.21 -13.78
CA TYR A 95 6.32 32.96 -13.23
C TYR A 95 6.24 31.54 -12.67
N TYR A 96 6.09 31.43 -11.37
CA TYR A 96 5.88 30.16 -10.68
C TYR A 96 4.40 29.97 -10.40
N CYS A 97 3.97 28.71 -10.43
CA CYS A 97 2.70 28.35 -9.83
C CYS A 97 2.98 27.62 -8.53
N ALA A 98 2.04 27.71 -7.59
CA ALA A 98 2.27 27.12 -6.27
C ALA A 98 0.95 26.72 -5.65
N LYS A 99 0.98 25.58 -4.96
CA LYS A 99 -0.15 25.11 -4.17
C LYS A 99 -0.14 25.77 -2.80
N GLY A 100 -1.30 26.25 -2.38
CA GLY A 100 -1.45 26.95 -1.11
C GLY A 100 -2.13 26.06 -0.09
N ASN A 101 -1.51 25.96 1.09
CA ASN A 101 -2.07 25.25 2.23
C ASN A 101 -2.73 26.25 3.16
N ASN A 102 -3.91 25.89 3.68
CA ASN A 102 -4.67 26.77 4.53
C ASN A 102 -4.32 26.52 6.00
N TYR A 103 -4.09 27.60 6.74
CA TYR A 103 -3.90 27.57 8.18
C TYR A 103 -4.81 28.62 8.81
N PHE A 104 -6.04 28.22 9.14
CA PHE A 104 -7.01 29.09 9.81
C PHE A 104 -7.28 30.36 8.99
N GLY A 105 -7.55 30.17 7.70
CA GLY A 105 -7.88 31.27 6.82
C GLY A 105 -6.69 32.00 6.22
N HIS A 106 -5.47 31.55 6.48
CA HIS A 106 -4.27 32.21 5.98
C HIS A 106 -3.39 31.18 5.29
N TRP A 107 -3.01 31.46 4.05
CA TRP A 107 -2.38 30.47 3.18
C TRP A 107 -0.89 30.67 3.08
N HIS A 108 -0.16 29.56 3.01
CA HIS A 108 1.26 29.57 2.67
C HIS A 108 1.48 28.70 1.43
N PHE A 109 2.58 28.96 0.73
CA PHE A 109 2.85 28.30 -0.56
C PHE A 109 3.73 27.09 -0.34
N ALA A 110 3.10 25.91 -0.20
CA ALA A 110 3.85 24.74 0.24
C ALA A 110 4.66 24.10 -0.88
N VAL A 111 4.10 24.05 -2.09
CA VAL A 111 4.74 23.38 -3.23
C VAL A 111 4.79 24.34 -4.40
N TRP A 112 5.96 24.47 -5.00
CA TRP A 112 6.22 25.39 -6.08
C TRP A 112 6.66 24.64 -7.33
N GLY A 113 6.25 25.13 -8.50
CA GLY A 113 6.71 24.57 -9.74
C GLY A 113 8.11 25.03 -10.10
N GLN A 114 8.57 24.57 -11.27
CA GLN A 114 9.90 24.92 -11.73
C GLN A 114 9.98 26.37 -12.19
N GLY A 115 8.85 26.95 -12.60
CA GLY A 115 8.81 28.31 -13.09
C GLY A 115 9.11 28.41 -14.58
N THR A 116 8.42 29.31 -15.26
CA THR A 116 8.66 29.60 -16.68
C THR A 116 8.91 31.09 -16.84
N LEU A 117 9.81 31.43 -17.76
CA LEU A 117 10.26 32.81 -17.92
C LEU A 117 9.45 33.52 -18.99
N VAL A 118 8.94 34.71 -18.64
CA VAL A 118 8.26 35.59 -19.57
C VAL A 118 9.09 36.86 -19.70
N THR A 119 9.40 37.23 -20.94
CA THR A 119 10.27 38.37 -21.21
C THR A 119 9.60 39.27 -22.24
N VAL A 120 9.32 40.52 -21.86
CA VAL A 120 8.77 41.51 -22.77
C VAL A 120 9.89 42.44 -23.21
N SER A 121 9.72 43.03 -24.39
CA SER A 121 10.72 43.95 -24.92
C SER A 121 10.11 45.31 -25.28
N GLY B 1 0.53 50.33 -2.11
CA GLY B 1 0.54 51.54 -1.32
C GLY B 1 0.01 51.33 0.09
N SER B 2 -1.13 50.66 0.18
CA SER B 2 -1.68 50.22 1.45
C SER B 2 -1.22 48.82 1.84
N ASP B 3 -0.37 48.19 1.03
CA ASP B 3 0.08 46.84 1.32
C ASP B 3 0.98 46.82 2.55
N ILE B 4 1.06 45.65 3.18
CA ILE B 4 2.08 45.39 4.19
C ILE B 4 3.41 45.23 3.48
N GLN B 5 4.40 46.03 3.88
CA GLN B 5 5.73 45.99 3.29
C GLN B 5 6.68 45.28 4.24
N LEU B 6 7.49 44.37 3.70
CA LEU B 6 8.37 43.52 4.48
C LEU B 6 9.82 43.87 4.18
N THR B 7 10.58 44.15 5.22
CA THR B 7 11.98 44.56 5.09
C THR B 7 12.85 43.59 5.87
N GLN B 8 13.84 43.02 5.19
CA GLN B 8 14.69 42.00 5.77
C GLN B 8 16.08 42.56 6.02
N SER B 9 16.74 42.00 7.03
CA SER B 9 18.11 42.38 7.37
C SER B 9 18.91 41.18 7.84
N PRO B 10 20.16 41.05 7.38
CA PRO B 10 20.71 41.95 6.36
C PRO B 10 20.26 41.59 4.96
N SER B 11 20.51 42.48 4.00
CA SER B 11 20.20 42.18 2.61
C SER B 11 21.05 41.01 2.12
N SER B 12 22.35 41.03 2.43
CA SER B 12 23.24 39.95 2.06
C SER B 12 24.28 39.78 3.15
N LEU B 13 24.79 38.56 3.29
CA LEU B 13 25.83 38.29 4.27
C LEU B 13 26.67 37.11 3.81
N SER B 14 27.95 37.14 4.19
CA SER B 14 28.90 36.08 3.90
C SER B 14 29.18 35.31 5.18
N ALA B 15 29.11 33.98 5.09
CA ALA B 15 29.33 33.13 6.25
C ALA B 15 30.13 31.90 5.86
N SER B 16 30.49 31.11 6.86
CA SER B 16 31.20 29.85 6.69
C SER B 16 30.35 28.71 7.23
N VAL B 17 30.67 27.49 6.80
CA VAL B 17 29.93 26.34 7.29
C VAL B 17 30.08 26.27 8.80
N GLY B 18 28.97 26.00 9.49
CA GLY B 18 28.93 25.96 10.93
C GLY B 18 28.54 27.26 11.60
N ASP B 19 28.62 28.38 10.89
CA ASP B 19 28.22 29.65 11.46
C ASP B 19 26.73 29.65 11.78
N ARG B 20 26.36 30.43 12.78
CA ARG B 20 24.96 30.68 13.09
C ARG B 20 24.55 31.99 12.44
N VAL B 21 23.46 31.96 11.67
CA VAL B 21 23.01 33.13 10.93
C VAL B 21 21.65 33.55 11.46
N THR B 22 21.45 34.86 11.56
CA THR B 22 20.19 35.44 12.02
C THR B 22 19.71 36.44 10.99
N ILE B 23 18.51 36.22 10.45
CA ILE B 23 17.88 37.11 9.47
C ILE B 23 16.61 37.67 10.09
N THR B 24 16.43 38.98 9.98
CA THR B 24 15.28 39.66 10.55
C THR B 24 14.32 40.07 9.44
N CYS B 25 13.02 40.11 9.78
CA CYS B 25 11.96 40.55 8.88
C CYS B 25 11.09 41.54 9.64
N ARG B 26 10.92 42.73 9.08
CA ARG B 26 10.09 43.78 9.67
C ARG B 26 8.90 44.04 8.76
N ALA B 27 7.72 44.21 9.36
CA ALA B 27 6.47 44.43 8.64
C ALA B 27 5.94 45.83 8.90
N SER B 28 5.36 46.43 7.87
CA SER B 28 4.76 47.75 8.02
C SER B 28 3.65 47.72 9.06
N LYS B 29 2.75 46.75 8.96
CA LYS B 29 1.66 46.57 9.92
C LYS B 29 1.84 45.24 10.63
N SER B 30 1.18 45.11 11.78
CA SER B 30 1.22 43.86 12.54
C SER B 30 0.52 42.76 11.75
N VAL B 31 1.19 41.63 11.60
CA VAL B 31 0.62 40.49 10.90
C VAL B 31 0.06 39.53 11.94
N ASP B 32 0.04 39.97 13.19
CA ASP B 32 -0.52 39.16 14.25
C ASP B 32 -2.03 39.09 14.13
N SER B 33 -2.60 37.99 14.59
CA SER B 33 -4.04 37.80 14.57
C SER B 33 -4.44 36.48 15.23
N ASP B 34 -5.32 36.55 16.23
CA ASP B 34 -5.85 35.37 16.92
C ASP B 34 -4.76 34.61 17.68
N GLY B 35 -3.77 35.32 18.20
CA GLY B 35 -2.68 34.67 18.89
C GLY B 35 -1.65 34.00 18.00
N ASP B 36 -1.67 34.29 16.69
CA ASP B 36 -0.70 33.74 15.76
C ASP B 36 -0.21 34.83 14.84
N SER B 37 1.01 34.64 14.32
CA SER B 37 1.64 35.60 13.43
C SER B 37 1.84 34.95 12.07
N TYR B 38 1.21 35.51 11.04
CA TYR B 38 1.17 34.88 9.72
C TYR B 38 2.35 35.35 8.87
N MET B 39 3.54 35.01 9.34
CA MET B 39 4.78 35.26 8.62
C MET B 39 5.38 33.91 8.26
N ASN B 40 5.65 33.71 6.98
CA ASN B 40 6.23 32.47 6.48
C ASN B 40 7.62 32.75 5.93
N TRP B 41 8.47 31.72 5.95
CA TRP B 41 9.84 31.84 5.49
C TRP B 41 10.10 30.83 4.37
N TYR B 42 10.77 31.29 3.32
CA TYR B 42 11.06 30.46 2.16
C TYR B 42 12.56 30.49 1.87
N GLN B 43 13.06 29.36 1.36
CA GLN B 43 14.44 29.24 0.93
C GLN B 43 14.46 29.03 -0.57
N GLN B 44 15.34 29.75 -1.26
CA GLN B 44 15.46 29.65 -2.72
C GLN B 44 16.92 29.56 -3.09
N LYS B 45 17.37 28.38 -3.49
CA LYS B 45 18.70 28.21 -4.03
C LYS B 45 18.73 28.68 -5.48
N PRO B 46 19.90 29.01 -6.00
CA PRO B 46 19.98 29.58 -7.36
C PRO B 46 19.39 28.64 -8.39
N GLY B 47 18.68 29.22 -9.36
CA GLY B 47 18.15 28.47 -10.47
C GLY B 47 16.98 27.56 -10.15
N ARG B 48 16.51 27.53 -8.91
CA ARG B 48 15.38 26.70 -8.55
C ARG B 48 14.29 27.57 -7.92
N ALA B 49 13.15 26.95 -7.68
CA ALA B 49 12.01 27.67 -7.13
C ALA B 49 12.11 27.74 -5.63
N PRO B 50 11.46 28.74 -5.01
CA PRO B 50 11.47 28.84 -3.55
C PRO B 50 10.88 27.59 -2.91
N LYS B 51 11.27 27.36 -1.67
CA LYS B 51 10.81 26.22 -0.87
C LYS B 51 10.38 26.73 0.50
N LEU B 52 9.25 26.22 0.99
CA LEU B 52 8.72 26.65 2.27
C LEU B 52 9.52 26.01 3.40
N LEU B 53 10.06 26.85 4.29
CA LEU B 53 10.74 26.37 5.49
C LEU B 53 9.87 26.46 6.73
N ILE B 54 9.17 27.58 6.91
CA ILE B 54 8.38 27.82 8.10
C ILE B 54 7.12 28.58 7.71
N TYR B 55 6.04 28.29 8.42
CA TYR B 55 4.78 29.00 8.27
C TYR B 55 4.26 29.34 9.65
N ALA B 56 3.51 30.43 9.75
CA ALA B 56 3.03 30.98 11.02
C ALA B 56 4.17 31.44 11.91
N ALA B 57 5.39 31.59 11.36
CA ALA B 57 6.53 32.23 12.01
C ALA B 57 7.32 31.28 12.90
N SER B 58 6.71 30.20 13.36
CA SER B 58 7.44 29.33 14.29
C SER B 58 7.39 27.87 13.88
N TYR B 59 6.36 27.46 13.13
CA TYR B 59 6.18 26.05 12.79
C TYR B 59 6.97 25.68 11.54
N LEU B 60 7.62 24.51 11.59
CA LEU B 60 8.44 24.02 10.50
C LEU B 60 7.63 23.09 9.60
N GLU B 61 7.69 23.34 8.29
CA GLU B 61 7.08 22.45 7.33
C GLU B 61 7.66 21.05 7.47
N SER B 62 6.84 20.04 7.19
CA SER B 62 7.31 18.68 7.28
C SER B 62 8.52 18.49 6.37
N GLY B 63 9.55 17.81 6.88
CA GLY B 63 10.74 17.55 6.10
C GLY B 63 11.80 18.62 6.14
N VAL B 64 11.60 19.68 6.90
CA VAL B 64 12.60 20.75 7.02
C VAL B 64 13.54 20.44 8.18
N PRO B 65 14.86 20.55 7.98
CA PRO B 65 15.79 20.23 9.08
C PRO B 65 15.52 21.08 10.32
N SER B 66 15.81 20.49 11.48
CA SER B 66 15.49 21.12 12.75
C SER B 66 16.29 22.39 12.99
N ARG B 67 17.42 22.58 12.29
CA ARG B 67 18.27 23.75 12.56
C ARG B 67 17.57 25.05 12.22
N PHE B 68 16.60 25.04 11.30
CA PHE B 68 15.83 26.23 10.99
C PHE B 68 14.76 26.43 12.06
N SER B 69 14.73 27.64 12.64
CA SER B 69 13.73 27.98 13.64
C SER B 69 13.23 29.39 13.39
N GLY B 70 11.94 29.61 13.64
CA GLY B 70 11.32 30.92 13.48
C GLY B 70 10.89 31.47 14.83
N SER B 71 11.01 32.78 14.96
CA SER B 71 10.56 33.47 16.16
C SER B 71 10.14 34.87 15.80
N GLY B 72 9.31 35.47 16.66
CA GLY B 72 8.86 36.82 16.48
C GLY B 72 7.37 36.96 16.72
N SER B 73 6.89 38.18 16.51
CA SER B 73 5.50 38.52 16.70
C SER B 73 5.29 39.97 16.25
N GLY B 74 4.04 40.30 15.92
CA GLY B 74 3.68 41.64 15.52
C GLY B 74 4.31 42.09 14.22
N THR B 75 5.37 42.90 14.33
CA THR B 75 6.10 43.42 13.18
C THR B 75 7.55 42.99 13.15
N ASP B 76 7.99 42.21 14.13
CA ASP B 76 9.39 41.80 14.28
C ASP B 76 9.48 40.29 14.21
N PHE B 77 10.23 39.77 13.23
CA PHE B 77 10.37 38.33 13.04
C PHE B 77 11.81 38.01 12.68
N THR B 78 12.26 36.82 13.10
CA THR B 78 13.64 36.42 12.95
C THR B 78 13.69 34.97 12.51
N LEU B 79 14.35 34.71 11.39
CA LEU B 79 14.67 33.35 10.97
C LEU B 79 16.07 33.02 11.45
N THR B 80 16.20 31.95 12.23
CA THR B 80 17.48 31.58 12.81
C THR B 80 17.91 30.23 12.27
N ILE B 81 19.21 30.10 11.99
CA ILE B 81 19.83 28.84 11.62
C ILE B 81 20.89 28.51 12.66
N SER B 82 20.72 27.40 13.36
CA SER B 82 21.63 27.09 14.46
C SER B 82 23.05 26.86 13.96
N SER B 83 23.20 26.08 12.90
CA SER B 83 24.51 25.82 12.30
C SER B 83 24.37 25.78 10.79
N LEU B 84 25.24 26.49 10.09
CA LEU B 84 25.13 26.62 8.65
C LEU B 84 25.68 25.38 7.95
N GLN B 85 25.06 25.02 6.84
CA GLN B 85 25.44 23.87 6.03
C GLN B 85 25.68 24.30 4.59
N PRO B 86 26.47 23.52 3.84
CA PRO B 86 26.77 23.93 2.46
C PRO B 86 25.55 24.13 1.59
N GLU B 87 24.53 23.28 1.75
CA GLU B 87 23.33 23.39 0.93
C GLU B 87 22.44 24.55 1.32
N ASP B 88 22.81 25.35 2.31
CA ASP B 88 22.01 26.48 2.76
C ASP B 88 22.37 27.78 2.05
N PHE B 89 23.38 27.78 1.19
CA PHE B 89 23.68 28.96 0.39
C PHE B 89 22.50 29.27 -0.52
N ALA B 90 21.67 30.23 -0.13
CA ALA B 90 20.47 30.55 -0.88
C ALA B 90 19.95 31.91 -0.42
N THR B 91 18.93 32.40 -1.10
CA THR B 91 18.24 33.60 -0.68
C THR B 91 17.05 33.22 0.19
N TYR B 92 16.83 33.96 1.26
CA TYR B 92 15.77 33.67 2.22
C TYR B 92 14.75 34.79 2.21
N TYR B 93 13.50 34.46 1.92
CA TYR B 93 12.41 35.42 1.86
C TYR B 93 11.41 35.16 3.00
N CYS B 94 10.90 36.25 3.57
CA CYS B 94 9.75 36.19 4.45
C CYS B 94 8.49 36.62 3.68
N GLN B 95 7.34 36.16 4.16
CA GLN B 95 6.09 36.43 3.46
C GLN B 95 4.96 36.49 4.47
N GLN B 96 4.21 37.59 4.43
CA GLN B 96 3.12 37.79 5.36
C GLN B 96 1.84 37.28 4.72
N SER B 97 1.09 36.47 5.47
CA SER B 97 -0.19 35.94 5.01
C SER B 97 -1.35 36.54 5.79
N HIS B 98 -1.16 37.74 6.35
CA HIS B 98 -2.20 38.35 7.17
C HIS B 98 -3.25 39.05 6.33
N GLU B 99 -2.83 39.77 5.29
CA GLU B 99 -3.74 40.58 4.48
C GLU B 99 -3.43 40.44 3.01
N ASP B 100 -4.48 40.45 2.19
CA ASP B 100 -4.32 40.54 0.75
C ASP B 100 -4.02 41.97 0.34
N PRO B 101 -3.08 42.15 -0.59
CA PRO B 101 -2.36 41.05 -1.23
C PRO B 101 -1.20 40.57 -0.37
N TYR B 102 -0.93 39.27 -0.44
CA TYR B 102 0.24 38.74 0.23
C TYR B 102 1.49 39.38 -0.35
N THR B 103 2.46 39.65 0.52
CA THR B 103 3.66 40.36 0.12
C THR B 103 4.88 39.62 0.64
N PHE B 104 6.02 39.92 0.03
CA PHE B 104 7.28 39.29 0.37
C PHE B 104 8.33 40.34 0.73
N GLY B 105 9.32 39.91 1.51
CA GLY B 105 10.51 40.69 1.71
C GLY B 105 11.32 40.79 0.43
N GLN B 106 12.38 41.59 0.49
CA GLN B 106 13.30 41.68 -0.63
C GLN B 106 14.22 40.47 -0.74
N GLY B 107 14.34 39.67 0.32
CA GLY B 107 15.21 38.51 0.30
C GLY B 107 16.60 38.75 0.88
N THR B 108 17.08 37.79 1.67
CA THR B 108 18.41 37.85 2.26
C THR B 108 19.27 36.77 1.63
N LYS B 109 20.31 37.17 0.90
CA LYS B 109 21.20 36.22 0.25
C LYS B 109 22.33 35.84 1.20
N VAL B 110 22.52 34.54 1.37
CA VAL B 110 23.57 34.00 2.24
C VAL B 110 24.59 33.29 1.35
N GLU B 111 25.82 33.78 1.38
CA GLU B 111 26.91 33.22 0.60
C GLU B 111 27.89 32.51 1.53
N ILE B 112 28.20 31.25 1.22
CA ILE B 112 29.10 30.47 2.03
C ILE B 112 30.55 30.85 1.71
N VAL C 11 -0.18 24.13 30.81
CA VAL C 11 -1.14 23.79 29.75
C VAL C 11 -0.44 23.09 28.59
N SER C 12 -0.83 21.83 28.33
CA SER C 12 -0.34 21.07 27.19
C SER C 12 -1.52 20.43 26.47
N ALA C 13 -1.32 20.12 25.19
CA ALA C 13 -2.39 19.58 24.37
C ALA C 13 -1.86 18.45 23.49
N TYR C 14 -2.78 17.56 23.11
CA TYR C 14 -2.46 16.46 22.22
C TYR C 14 -3.53 16.37 21.13
N LEU C 15 -3.12 15.86 19.96
CA LEU C 15 -4.02 15.69 18.83
C LEU C 15 -3.98 14.23 18.39
N SER C 16 -5.11 13.54 18.54
CA SER C 16 -5.19 12.11 18.26
C SER C 16 -5.28 11.84 16.77
N ARG C 17 -5.01 10.59 16.41
CA ARG C 17 -5.31 10.10 15.08
C ARG C 17 -6.59 9.30 15.08
N PRO C 18 -7.22 9.11 13.92
CA PRO C 18 -8.39 8.23 13.84
C PRO C 18 -7.95 6.78 13.89
N SER C 19 -8.57 6.00 14.77
CA SER C 19 -8.25 4.58 14.82
C SER C 19 -8.59 3.95 13.47
N PRO C 20 -7.79 3.00 13.00
CA PRO C 20 -8.18 2.24 11.80
C PRO C 20 -9.57 1.65 11.91
N PHE C 21 -10.00 1.25 13.11
CA PHE C 21 -11.36 0.74 13.28
C PHE C 21 -12.39 1.80 12.94
N ASP C 22 -12.19 3.04 13.41
CA ASP C 22 -13.13 4.10 13.09
C ASP C 22 -13.07 4.47 11.61
N LEU C 23 -11.93 4.25 10.96
CA LEU C 23 -11.74 4.70 9.59
C LEU C 23 -12.35 3.73 8.58
N PHE C 24 -12.10 2.43 8.76
CA PHE C 24 -12.42 1.46 7.73
C PHE C 24 -13.56 0.53 8.10
N ILE C 25 -13.88 0.38 9.38
CA ILE C 25 -15.01 -0.44 9.79
C ILE C 25 -16.23 0.45 10.00
N ARG C 26 -16.15 1.34 11.00
CA ARG C 26 -17.26 2.24 11.29
C ARG C 26 -17.44 3.28 10.19
N LYS C 27 -16.39 3.62 9.45
CA LYS C 27 -16.43 4.65 8.43
C LYS C 27 -16.80 6.02 8.98
N SER C 28 -16.87 6.16 10.31
CA SER C 28 -17.19 7.43 10.97
C SER C 28 -16.00 7.85 11.82
N PRO C 29 -14.88 8.17 11.21
CA PRO C 29 -13.69 8.54 11.97
C PRO C 29 -13.83 9.93 12.59
N THR C 30 -13.09 10.13 13.68
CA THR C 30 -13.07 11.40 14.36
C THR C 30 -11.69 11.61 14.96
N ILE C 31 -11.31 12.87 15.10
CA ILE C 31 -10.12 13.28 15.82
C ILE C 31 -10.54 14.15 16.98
N THR C 32 -9.83 14.03 18.09
CA THR C 32 -10.16 14.76 19.31
C THR C 32 -8.95 15.57 19.76
N CYS C 33 -9.17 16.86 20.01
CA CYS C 33 -8.15 17.73 20.56
C CYS C 33 -8.25 17.70 22.08
N LEU C 34 -7.21 17.18 22.73
CA LEU C 34 -7.29 16.91 24.17
C LEU C 34 -7.28 18.20 24.97
N VAL C 35 -6.24 19.02 24.82
CA VAL C 35 -6.14 20.29 25.50
C VAL C 35 -6.26 20.10 27.02
N VAL C 36 -5.29 19.41 27.61
CA VAL C 36 -5.29 19.18 29.06
C VAL C 36 -4.78 20.42 29.78
N SER C 41 -6.62 30.14 34.81
CA SER C 41 -7.90 29.56 34.44
C SER C 41 -9.03 30.57 34.54
N LYS C 42 -8.68 31.86 34.41
CA LYS C 42 -9.69 32.91 34.55
C LYS C 42 -10.63 32.94 33.35
N GLY C 43 -10.09 32.93 32.15
CA GLY C 43 -10.89 32.99 30.93
C GLY C 43 -10.99 31.63 30.27
N THR C 44 -12.22 31.26 29.92
CA THR C 44 -12.45 29.97 29.27
C THR C 44 -11.67 29.88 27.98
N VAL C 45 -11.10 28.71 27.73
CA VAL C 45 -10.19 28.51 26.59
C VAL C 45 -11.01 28.19 25.35
N ASN C 46 -10.73 28.91 24.25
CA ASN C 46 -11.41 28.68 22.99
C ASN C 46 -10.62 27.67 22.16
N LEU C 47 -11.35 26.74 21.53
CA LEU C 47 -10.74 25.65 20.77
C LEU C 47 -11.39 25.60 19.39
N THR C 48 -10.60 25.88 18.35
CA THR C 48 -11.09 25.90 16.98
C THR C 48 -10.25 24.97 16.11
N TRP C 49 -10.78 24.65 14.94
CA TRP C 49 -10.19 23.67 14.04
C TRP C 49 -9.91 24.29 12.68
N SER C 50 -9.01 23.65 11.94
CA SER C 50 -8.66 24.06 10.58
C SER C 50 -8.04 22.88 9.85
N ARG C 51 -8.16 22.89 8.52
CA ARG C 51 -7.57 21.84 7.70
C ARG C 51 -6.82 22.46 6.53
N ALA C 52 -5.71 21.83 6.16
CA ALA C 52 -4.77 22.44 5.21
C ALA C 52 -5.43 22.72 3.85
N SER C 53 -6.41 21.92 3.47
CA SER C 53 -7.01 22.11 2.15
C SER C 53 -7.86 23.37 2.09
N GLY C 54 -8.26 23.91 3.24
CA GLY C 54 -9.15 25.05 3.26
C GLY C 54 -10.61 24.68 3.28
N LYS C 55 -10.93 23.39 3.20
CA LYS C 55 -12.31 22.98 3.30
C LYS C 55 -12.86 23.30 4.69
N PRO C 56 -14.17 23.49 4.82
CA PRO C 56 -14.73 23.86 6.11
C PRO C 56 -14.62 22.72 7.11
N VAL C 57 -14.58 23.08 8.38
CA VAL C 57 -14.56 22.09 9.44
C VAL C 57 -16.00 21.69 9.77
N ASN C 58 -16.20 20.39 9.97
CA ASN C 58 -17.51 19.88 10.30
C ASN C 58 -17.96 20.42 11.67
N HIS C 59 -19.17 20.06 12.06
CA HIS C 59 -19.73 20.45 13.34
C HIS C 59 -18.93 19.76 14.45
N SER C 60 -18.00 20.49 15.05
CA SER C 60 -17.13 19.93 16.09
C SER C 60 -17.79 20.11 17.45
N THR C 61 -18.00 18.99 18.15
CA THR C 61 -18.62 19.01 19.46
C THR C 61 -17.56 19.16 20.54
N ARG C 62 -17.71 20.18 21.38
CA ARG C 62 -16.76 20.46 22.45
C ARG C 62 -17.36 20.05 23.79
N LYS C 63 -16.55 19.43 24.64
CA LYS C 63 -16.98 18.95 25.95
C LYS C 63 -15.99 19.44 27.00
N GLU C 64 -16.51 20.09 28.03
CA GLU C 64 -15.71 20.59 29.14
C GLU C 64 -15.92 19.70 30.36
N GLU C 65 -14.83 19.23 30.94
CA GLU C 65 -14.86 18.34 32.10
C GLU C 65 -14.07 18.96 33.23
N LYS C 66 -14.68 19.02 34.43
CA LYS C 66 -14.04 19.60 35.61
C LYS C 66 -13.40 18.48 36.42
N GLN C 67 -12.23 18.03 35.96
CA GLN C 67 -11.53 16.97 36.65
C GLN C 67 -10.02 17.01 36.41
N ARG C 68 -9.24 16.64 37.42
CA ARG C 68 -9.78 16.23 38.73
C ARG C 68 -9.02 16.88 39.89
N ASN C 69 -7.69 16.75 39.91
CA ASN C 69 -6.87 17.26 41.01
C ASN C 69 -6.50 18.72 40.73
N GLY C 70 -7.50 19.58 40.84
CA GLY C 70 -7.29 21.00 40.56
C GLY C 70 -6.84 21.26 39.14
N THR C 71 -7.38 20.52 38.17
CA THR C 71 -7.07 20.71 36.76
C THR C 71 -8.36 20.70 35.96
N LEU C 72 -8.31 21.33 34.79
CA LEU C 72 -9.46 21.45 33.90
C LEU C 72 -9.15 20.77 32.58
N THR C 73 -10.11 20.00 32.08
CA THR C 73 -9.98 19.27 30.82
C THR C 73 -11.07 19.73 29.86
N VAL C 74 -10.65 20.18 28.68
CA VAL C 74 -11.55 20.62 27.63
C VAL C 74 -11.12 19.91 26.35
N THR C 75 -11.92 18.94 25.90
CA THR C 75 -11.63 18.18 24.70
C THR C 75 -12.68 18.46 23.63
N SER C 76 -12.23 18.64 22.40
CA SER C 76 -13.11 18.84 21.26
C SER C 76 -12.93 17.69 20.27
N THR C 77 -14.02 17.02 19.93
CA THR C 77 -14.00 15.93 18.97
C THR C 77 -14.48 16.45 17.62
N LEU C 78 -13.67 16.22 16.59
CA LEU C 78 -13.99 16.70 15.26
C LEU C 78 -14.24 15.52 14.33
N PRO C 79 -15.43 15.39 13.76
CA PRO C 79 -15.66 14.34 12.77
C PRO C 79 -14.92 14.64 11.48
N VAL C 80 -14.26 13.61 10.94
CA VAL C 80 -13.51 13.73 9.70
C VAL C 80 -14.01 12.68 8.72
N GLY C 81 -13.70 12.90 7.45
CA GLY C 81 -14.12 12.00 6.40
C GLY C 81 -13.04 10.98 6.09
N THR C 82 -13.46 9.73 5.88
CA THR C 82 -12.48 8.66 5.67
C THR C 82 -11.70 8.88 4.38
N ARG C 83 -12.38 9.32 3.31
CA ARG C 83 -11.67 9.59 2.06
C ARG C 83 -10.66 10.71 2.22
N ASP C 84 -11.01 11.75 2.96
CA ASP C 84 -10.10 12.89 3.12
C ASP C 84 -8.80 12.44 3.78
N TRP C 85 -8.90 11.63 4.84
CA TRP C 85 -7.72 11.23 5.57
C TRP C 85 -6.76 10.43 4.70
N ILE C 86 -7.27 9.73 3.69
CA ILE C 86 -6.41 8.89 2.87
C ILE C 86 -5.58 9.71 1.88
N GLU C 87 -6.13 10.82 1.38
CA GLU C 87 -5.40 11.67 0.45
C GLU C 87 -4.42 12.62 1.15
N GLY C 88 -4.23 12.47 2.46
CA GLY C 88 -3.23 13.26 3.14
C GLY C 88 -3.71 14.60 3.67
N GLU C 89 -5.00 14.72 3.96
CA GLU C 89 -5.50 15.95 4.55
C GLU C 89 -4.90 16.17 5.92
N THR C 90 -4.39 17.37 6.16
CA THR C 90 -3.83 17.74 7.44
C THR C 90 -4.84 18.53 8.25
N TYR C 91 -5.11 18.06 9.47
CA TYR C 91 -6.04 18.70 10.39
C TYR C 91 -5.25 19.33 11.53
N GLN C 92 -5.58 20.58 11.84
CA GLN C 92 -4.83 21.33 12.84
C GLN C 92 -5.80 21.87 13.87
N CYS C 93 -5.38 21.86 15.13
CA CYS C 93 -6.18 22.32 16.25
C CYS C 93 -5.42 23.44 16.96
N ARG C 94 -6.11 24.54 17.27
CA ARG C 94 -5.48 25.70 17.88
C ARG C 94 -6.18 26.08 19.18
N VAL C 95 -5.39 26.55 20.14
CA VAL C 95 -5.84 26.83 21.50
C VAL C 95 -5.51 28.28 21.84
N THR C 96 -6.53 29.04 22.25
CA THR C 96 -6.37 30.44 22.59
C THR C 96 -6.90 30.70 23.99
N HIS C 97 -6.19 31.57 24.71
CA HIS C 97 -6.56 32.03 26.04
C HIS C 97 -6.65 33.54 26.06
N PRO C 98 -7.65 34.11 26.74
CA PRO C 98 -7.78 35.57 26.83
C PRO C 98 -6.55 36.22 27.45
N PRO C 101 -0.22 34.92 25.64
CA PRO C 101 0.10 35.81 24.51
C PRO C 101 -0.02 35.10 23.16
N ARG C 102 0.56 33.90 23.07
CA ARG C 102 0.56 33.12 21.84
C ARG C 102 -0.38 31.93 21.98
N ALA C 103 -0.67 31.29 20.85
CA ALA C 103 -1.58 30.15 20.79
C ALA C 103 -0.79 28.87 20.57
N LEU C 104 -1.34 27.75 21.07
CA LEU C 104 -0.77 26.43 20.87
C LEU C 104 -1.54 25.69 19.78
N MET C 105 -0.81 24.91 18.99
CA MET C 105 -1.40 24.24 17.84
C MET C 105 -0.81 22.85 17.70
N ARG C 106 -1.68 21.88 17.42
CA ARG C 106 -1.29 20.52 17.10
C ARG C 106 -1.83 20.20 15.72
N SER C 107 -1.08 19.40 14.95
CA SER C 107 -1.49 19.01 13.62
C SER C 107 -1.38 17.51 13.48
N THR C 108 -2.45 16.88 12.97
CA THR C 108 -2.48 15.45 12.72
C THR C 108 -2.74 15.19 11.23
N THR C 109 -2.17 14.11 10.73
CA THR C 109 -2.32 13.78 9.32
C THR C 109 -1.93 12.32 9.11
N LYS C 110 -2.31 11.79 7.96
CA LYS C 110 -1.96 10.43 7.57
C LYS C 110 -0.46 10.19 7.69
N THR C 111 -0.10 9.07 8.33
CA THR C 111 1.31 8.75 8.53
C THR C 111 2.00 8.49 7.19
N SER C 112 3.27 8.86 7.10
CA SER C 112 4.04 8.60 5.91
C SER C 112 4.80 7.29 6.06
N GLY C 113 5.45 6.86 4.97
CA GLY C 113 6.20 5.64 4.97
C GLY C 113 5.54 4.56 4.16
N PRO C 114 6.26 3.49 3.88
CA PRO C 114 5.68 2.39 3.10
C PRO C 114 4.51 1.74 3.84
N ARG C 115 3.71 1.00 3.08
CA ARG C 115 2.58 0.26 3.64
C ARG C 115 2.90 -1.23 3.60
N ALA C 116 2.64 -1.91 4.72
CA ALA C 116 2.81 -3.36 4.80
C ALA C 116 1.63 -3.95 5.55
N ALA C 117 0.96 -4.93 4.93
CA ALA C 117 -0.19 -5.56 5.54
C ALA C 117 0.23 -6.45 6.71
N PRO C 118 -0.64 -6.64 7.69
CA PRO C 118 -0.28 -7.43 8.86
C PRO C 118 -0.49 -8.91 8.65
N GLU C 119 0.39 -9.69 9.29
CA GLU C 119 0.16 -11.10 9.53
C GLU C 119 -0.52 -11.25 10.89
N VAL C 120 -1.50 -12.15 10.97
CA VAL C 120 -2.29 -12.34 12.18
C VAL C 120 -2.23 -13.79 12.59
N TYR C 121 -1.92 -14.03 13.86
CA TYR C 121 -1.83 -15.37 14.42
C TYR C 121 -2.59 -15.40 15.74
N ALA C 122 -3.37 -16.47 15.93
CA ALA C 122 -4.19 -16.62 17.13
C ALA C 122 -3.82 -17.91 17.85
N PHE C 123 -3.70 -17.82 19.17
CA PHE C 123 -3.30 -18.95 20.00
C PHE C 123 -4.17 -18.99 21.25
N ALA C 124 -4.29 -20.18 21.83
CA ALA C 124 -5.05 -20.40 23.05
C ALA C 124 -4.13 -21.00 24.11
N THR C 125 -4.31 -20.56 25.36
CA THR C 125 -3.47 -21.12 26.40
C THR C 125 -4.03 -22.45 26.89
N PRO C 126 -3.16 -23.39 27.26
CA PRO C 126 -3.65 -24.62 27.88
C PRO C 126 -4.34 -24.32 29.20
N GLU C 127 -5.02 -25.34 29.72
CA GLU C 127 -5.68 -25.22 31.02
C GLU C 127 -4.66 -25.00 32.12
N TRP C 128 -4.93 -24.01 32.97
CA TRP C 128 -4.07 -23.81 34.12
C TRP C 128 -4.76 -24.35 35.37
N PRO C 129 -4.07 -25.11 36.21
CA PRO C 129 -4.73 -25.70 37.39
C PRO C 129 -5.33 -24.64 38.29
N GLY C 130 -6.51 -24.93 38.82
CA GLY C 130 -7.25 -24.00 39.65
C GLY C 130 -8.13 -23.03 38.89
N SER C 131 -7.78 -22.71 37.66
CA SER C 131 -8.54 -21.80 36.81
C SER C 131 -9.03 -22.57 35.58
N ARG C 132 -9.97 -23.49 35.81
CA ARG C 132 -10.48 -24.33 34.74
C ARG C 132 -11.60 -23.69 33.95
N ASP C 133 -12.28 -22.69 34.53
CA ASP C 133 -13.40 -22.03 33.87
C ASP C 133 -12.97 -20.86 32.98
N LYS C 134 -11.69 -20.47 33.04
CA LYS C 134 -11.18 -19.35 32.28
C LYS C 134 -10.13 -19.85 31.28
N ARG C 135 -9.98 -19.12 30.17
CA ARG C 135 -8.87 -19.33 29.26
C ARG C 135 -8.36 -17.99 28.78
N THR C 136 -7.19 -18.01 28.17
CA THR C 136 -6.57 -16.80 27.64
C THR C 136 -6.32 -17.01 26.16
N LEU C 137 -6.89 -16.13 25.34
CA LEU C 137 -6.65 -16.16 23.90
C LEU C 137 -5.69 -15.03 23.54
N ALA C 138 -4.66 -15.35 22.78
CA ALA C 138 -3.62 -14.40 22.43
C ALA C 138 -3.58 -14.24 20.92
N CYS C 139 -3.48 -12.99 20.46
CA CYS C 139 -3.40 -12.69 19.06
C CYS C 139 -2.10 -11.94 18.78
N LEU C 140 -1.32 -12.45 17.83
CA LEU C 140 -0.08 -11.83 17.41
C LEU C 140 -0.31 -11.21 16.04
N ILE C 141 -0.10 -9.91 15.94
CA ILE C 141 -0.19 -9.17 14.69
C ILE C 141 1.15 -8.51 14.47
N GLN C 142 1.78 -8.77 13.32
CA GLN C 142 3.18 -8.40 13.16
C GLN C 142 3.48 -8.05 11.70
N ASN C 143 4.62 -7.39 11.52
CA ASN C 143 5.16 -7.08 10.20
C ASN C 143 4.25 -6.16 9.41
N PHE C 144 3.71 -5.14 10.06
CA PHE C 144 2.81 -4.20 9.40
C PHE C 144 3.34 -2.77 9.52
N MET C 145 3.05 -1.97 8.50
CA MET C 145 3.42 -0.56 8.48
C MET C 145 2.33 0.24 7.79
N PRO C 146 2.00 1.42 8.33
CA PRO C 146 2.57 1.99 9.54
C PRO C 146 2.05 1.34 10.81
N GLU C 147 2.37 1.94 11.96
CA GLU C 147 2.06 1.32 13.25
C GLU C 147 0.58 1.38 13.60
N ASP C 148 -0.20 2.24 12.94
CA ASP C 148 -1.60 2.39 13.30
C ASP C 148 -2.35 1.09 13.04
N ILE C 149 -2.91 0.51 14.09
CA ILE C 149 -3.54 -0.80 14.03
C ILE C 149 -4.65 -0.86 15.06
N SER C 150 -5.82 -1.32 14.65
CA SER C 150 -6.93 -1.58 15.56
C SER C 150 -7.13 -3.08 15.67
N VAL C 151 -7.60 -3.53 16.82
CA VAL C 151 -7.81 -4.95 17.07
C VAL C 151 -9.20 -5.13 17.68
N GLN C 152 -9.97 -6.06 17.14
CA GLN C 152 -11.25 -6.42 17.72
C GLN C 152 -11.37 -7.93 17.78
N TRP C 153 -12.08 -8.44 18.78
CA TRP C 153 -12.31 -9.86 18.97
C TRP C 153 -13.78 -10.19 18.69
N LEU C 154 -14.01 -11.15 17.81
CA LEU C 154 -15.36 -11.55 17.43
C LEU C 154 -15.68 -12.91 18.01
N HIS C 155 -16.87 -13.04 18.60
CA HIS C 155 -17.38 -14.29 19.13
C HIS C 155 -18.88 -14.36 18.84
N ASN C 156 -19.32 -15.45 18.22
CA ASN C 156 -20.70 -15.58 17.78
C ASN C 156 -21.04 -14.56 16.69
N GLU C 157 -20.04 -14.22 15.87
CA GLU C 157 -20.18 -13.25 14.79
C GLU C 157 -20.49 -11.84 15.29
N VAL C 158 -20.51 -11.64 16.62
CA VAL C 158 -20.76 -10.33 17.22
C VAL C 158 -19.48 -9.87 17.90
N GLN C 159 -19.10 -8.61 17.67
CA GLN C 159 -17.87 -8.09 18.23
C GLN C 159 -17.97 -7.96 19.75
N LEU C 160 -16.94 -8.43 20.45
CA LEU C 160 -16.91 -8.29 21.90
C LEU C 160 -16.56 -6.85 22.29
N PRO C 161 -16.98 -6.42 23.48
CA PRO C 161 -16.63 -5.07 23.93
C PRO C 161 -15.12 -4.89 24.03
N ASP C 162 -14.70 -3.63 23.97
CA ASP C 162 -13.27 -3.32 23.93
C ASP C 162 -12.62 -3.54 25.29
N ALA C 163 -13.34 -3.25 26.38
CA ALA C 163 -12.81 -3.45 27.72
C ALA C 163 -12.47 -4.91 27.98
N ARG C 164 -12.94 -5.83 27.14
CA ARG C 164 -12.71 -7.25 27.36
C ARG C 164 -11.31 -7.69 26.98
N HIS C 165 -10.68 -6.98 26.05
CA HIS C 165 -9.36 -7.35 25.56
C HIS C 165 -8.36 -6.25 25.87
N SER C 166 -7.08 -6.59 25.70
CA SER C 166 -5.97 -5.68 25.96
C SER C 166 -4.95 -5.87 24.85
N THR C 167 -4.55 -4.78 24.22
CA THR C 167 -3.61 -4.81 23.10
C THR C 167 -2.37 -4.01 23.46
N THR C 168 -1.20 -4.61 23.25
CA THR C 168 0.04 -3.93 23.58
C THR C 168 0.32 -2.83 22.56
N GLN C 169 1.16 -1.88 22.97
CA GLN C 169 1.51 -0.78 22.08
C GLN C 169 2.40 -1.29 20.96
N PRO C 170 2.25 -0.78 19.74
CA PRO C 170 3.08 -1.25 18.63
C PRO C 170 4.56 -1.14 18.98
N ARG C 171 5.32 -2.13 18.53
CA ARG C 171 6.76 -2.15 18.77
C ARG C 171 7.46 -2.58 17.48
N LYS C 172 8.70 -2.11 17.32
CA LYS C 172 9.41 -2.34 16.08
C LYS C 172 9.99 -3.75 16.06
N THR C 173 9.86 -4.41 14.92
CA THR C 173 10.51 -5.68 14.70
C THR C 173 11.94 -5.46 14.22
N LYS C 174 12.69 -6.55 14.09
CA LYS C 174 14.04 -6.43 13.54
C LYS C 174 14.00 -5.92 12.10
N GLY C 175 12.94 -6.25 11.37
CA GLY C 175 12.68 -5.62 10.10
C GLY C 175 12.08 -4.24 10.30
N SER C 176 11.60 -3.67 9.20
CA SER C 176 11.01 -2.34 9.26
C SER C 176 9.57 -2.34 9.73
N GLY C 177 8.96 -3.52 9.95
CA GLY C 177 7.59 -3.57 10.37
C GLY C 177 7.40 -3.54 11.88
N PHE C 178 6.16 -3.32 12.30
CA PHE C 178 5.77 -3.32 13.69
C PHE C 178 4.97 -4.57 14.02
N PHE C 179 4.89 -4.88 15.32
CA PHE C 179 4.11 -6.00 15.80
C PHE C 179 3.31 -5.59 17.02
N VAL C 180 2.26 -6.35 17.29
CA VAL C 180 1.34 -6.05 18.39
C VAL C 180 0.75 -7.37 18.87
N PHE C 181 0.54 -7.47 20.18
CA PHE C 181 -0.13 -8.61 20.79
C PHE C 181 -1.47 -8.17 21.34
N SER C 182 -2.47 -9.06 21.24
CA SER C 182 -3.77 -8.83 21.83
C SER C 182 -4.13 -10.03 22.70
N ARG C 183 -4.60 -9.74 23.91
CA ARG C 183 -4.90 -10.75 24.92
C ARG C 183 -6.36 -10.65 25.30
N LEU C 184 -7.03 -11.79 25.36
CA LEU C 184 -8.46 -11.84 25.66
C LEU C 184 -8.75 -13.06 26.51
N GLU C 185 -9.18 -12.84 27.75
CA GLU C 185 -9.66 -13.93 28.59
C GLU C 185 -11.10 -14.27 28.23
N VAL C 186 -11.38 -15.56 28.08
CA VAL C 186 -12.71 -16.04 27.76
C VAL C 186 -13.15 -17.02 28.83
N THR C 187 -14.46 -17.14 29.01
CA THR C 187 -15.04 -18.02 30.01
C THR C 187 -15.51 -19.33 29.39
N ARG C 188 -15.66 -20.33 30.25
CA ARG C 188 -16.14 -21.63 29.79
C ARG C 188 -17.52 -21.52 29.15
N ALA C 189 -18.42 -20.76 29.78
CA ALA C 189 -19.75 -20.59 29.22
C ALA C 189 -19.69 -20.09 27.79
N GLU C 190 -18.66 -19.30 27.46
CA GLU C 190 -18.56 -18.74 26.12
C GLU C 190 -18.09 -19.78 25.12
N TRP C 191 -16.96 -20.44 25.38
CA TRP C 191 -16.45 -21.39 24.39
C TRP C 191 -17.30 -22.66 24.32
N GLU C 192 -18.04 -22.99 25.38
CA GLU C 192 -18.94 -24.13 25.29
C GLU C 192 -20.18 -23.80 24.47
N GLN C 193 -20.62 -22.55 24.50
CA GLN C 193 -21.73 -22.15 23.63
C GLN C 193 -21.29 -22.08 22.17
N LYS C 194 -20.01 -21.75 21.94
CA LYS C 194 -19.42 -21.78 20.60
C LYS C 194 -17.91 -21.67 20.71
N ASP C 195 -17.20 -22.75 20.36
CA ASP C 195 -15.75 -22.81 20.54
C ASP C 195 -15.03 -22.30 19.29
N GLU C 196 -15.26 -21.01 19.01
CA GLU C 196 -14.60 -20.35 17.88
C GLU C 196 -14.56 -18.86 18.16
N PHE C 197 -13.37 -18.29 18.13
CA PHE C 197 -13.17 -16.86 18.36
C PHE C 197 -12.31 -16.32 17.23
N ILE C 198 -12.67 -15.15 16.73
CA ILE C 198 -11.96 -14.53 15.62
C ILE C 198 -11.26 -13.28 16.13
N CYS C 199 -9.95 -13.20 15.89
CA CYS C 199 -9.17 -12.00 16.13
C CYS C 199 -8.99 -11.28 14.80
N ARG C 200 -9.51 -10.06 14.72
CA ARG C 200 -9.51 -9.28 13.49
C ARG C 200 -8.60 -8.06 13.64
N ALA C 201 -7.76 -7.83 12.63
CA ALA C 201 -6.89 -6.67 12.58
C ALA C 201 -7.37 -5.74 11.49
N VAL C 202 -7.40 -4.45 11.80
CA VAL C 202 -7.79 -3.41 10.85
C VAL C 202 -6.55 -2.58 10.55
N HIS C 203 -6.15 -2.58 9.28
CA HIS C 203 -4.97 -1.84 8.85
C HIS C 203 -5.17 -1.40 7.42
N GLU C 204 -4.73 -0.18 7.11
CA GLU C 204 -5.02 0.37 5.79
C GLU C 204 -4.30 -0.37 4.68
N ALA C 205 -3.22 -1.09 4.99
CA ALA C 205 -2.53 -1.86 3.96
C ALA C 205 -3.16 -3.23 3.73
N ALA C 206 -3.99 -3.70 4.66
CA ALA C 206 -4.68 -4.97 4.46
C ALA C 206 -5.63 -4.87 3.27
N SER C 207 -5.62 -5.91 2.44
CA SER C 207 -6.39 -5.88 1.21
C SER C 207 -7.08 -7.20 0.95
N PRO C 208 -8.33 -7.15 0.48
CA PRO C 208 -9.03 -5.87 0.46
C PRO C 208 -9.79 -5.66 1.76
N SER C 209 -10.53 -4.56 1.87
CA SER C 209 -11.36 -4.25 3.03
C SER C 209 -10.54 -4.04 4.31
N GLN C 210 -9.22 -3.87 4.19
CA GLN C 210 -8.37 -3.46 5.31
C GLN C 210 -8.51 -4.39 6.52
N THR C 211 -8.66 -5.70 6.25
CA THR C 211 -8.89 -6.63 7.35
C THR C 211 -8.10 -7.92 7.12
N VAL C 212 -7.37 -8.33 8.15
CA VAL C 212 -6.73 -9.64 8.20
C VAL C 212 -7.21 -10.34 9.46
N GLN C 213 -7.55 -11.63 9.34
CA GLN C 213 -8.17 -12.35 10.43
C GLN C 213 -7.51 -13.70 10.67
N ARG C 214 -7.80 -14.26 11.84
CA ARG C 214 -7.46 -15.64 12.16
C ARG C 214 -8.39 -16.13 13.25
N ALA C 215 -8.80 -17.39 13.15
CA ALA C 215 -9.70 -18.00 14.12
C ALA C 215 -8.93 -18.89 15.08
N VAL C 216 -9.47 -19.05 16.29
CA VAL C 216 -8.84 -19.85 17.32
C VAL C 216 -9.93 -20.53 18.14
N SER C 217 -9.58 -21.65 18.76
CA SER C 217 -10.51 -22.40 19.58
C SER C 217 -9.79 -22.94 20.81
N VAL C 218 -10.58 -23.30 21.80
CA VAL C 218 -10.09 -23.90 23.04
C VAL C 218 -10.47 -25.38 23.02
N ASN C 219 -9.48 -26.24 23.17
CA ASN C 219 -9.74 -27.68 23.18
C ASN C 219 -9.53 -28.30 24.56
N GLU D 2 0.71 -13.44 1.39
CA GLU D 2 -0.08 -13.80 0.21
C GLU D 2 -1.57 -13.83 0.52
N VAL D 3 -2.25 -14.85 0.01
CA VAL D 3 -3.68 -15.04 0.24
C VAL D 3 -3.88 -15.81 1.54
N GLN D 4 -4.95 -15.47 2.25
CA GLN D 4 -5.29 -16.10 3.53
C GLN D 4 -6.79 -16.37 3.58
N LEU D 5 -7.16 -17.57 4.02
CA LEU D 5 -8.54 -18.01 4.08
C LEU D 5 -8.89 -18.39 5.52
N VAL D 6 -9.99 -17.85 6.02
CA VAL D 6 -10.41 -18.03 7.41
C VAL D 6 -11.84 -18.54 7.41
N GLU D 7 -12.02 -19.81 7.77
CA GLU D 7 -13.34 -20.40 7.89
C GLU D 7 -14.00 -19.98 9.20
N SER D 8 -15.32 -20.14 9.25
CA SER D 8 -16.08 -19.85 10.45
C SER D 8 -17.50 -20.32 10.24
N GLY D 9 -18.20 -20.58 11.36
CA GLY D 9 -19.58 -21.01 11.34
C GLY D 9 -19.81 -22.43 11.82
N GLY D 10 -18.74 -23.20 12.04
CA GLY D 10 -18.91 -24.56 12.51
C GLY D 10 -19.21 -24.61 14.00
N GLY D 11 -20.00 -25.61 14.37
CA GLY D 11 -20.33 -25.79 15.78
C GLY D 11 -21.20 -27.01 15.96
N LEU D 12 -21.81 -27.09 17.14
CA LEU D 12 -22.71 -28.18 17.45
C LEU D 12 -24.05 -27.97 16.74
N VAL D 13 -24.50 -28.97 15.99
CA VAL D 13 -25.73 -28.91 15.21
C VAL D 13 -26.56 -30.14 15.48
N GLN D 14 -27.86 -29.96 15.73
CA GLN D 14 -28.75 -31.09 15.90
C GLN D 14 -29.12 -31.69 14.54
N PRO D 15 -29.39 -33.00 14.49
CA PRO D 15 -29.64 -33.64 13.20
C PRO D 15 -30.78 -32.98 12.42
N ASP D 16 -30.66 -33.02 11.10
CA ASP D 16 -31.66 -32.44 10.20
C ASP D 16 -31.60 -30.92 10.24
N GLY D 17 -30.79 -30.37 11.14
CA GLY D 17 -30.64 -28.93 11.23
C GLY D 17 -29.94 -28.35 10.02
N SER D 18 -29.91 -27.03 9.98
CA SER D 18 -29.28 -26.28 8.89
C SER D 18 -28.20 -25.38 9.47
N LEU D 19 -27.02 -25.42 8.87
CA LEU D 19 -25.90 -24.59 9.30
C LEU D 19 -25.28 -23.88 8.10
N ARG D 20 -24.74 -22.69 8.37
CA ARG D 20 -24.15 -21.83 7.34
C ARG D 20 -22.67 -21.63 7.66
N LEU D 21 -21.81 -22.10 6.77
CA LEU D 21 -20.37 -21.90 6.90
C LEU D 21 -19.92 -20.75 6.02
N SER D 22 -18.83 -20.10 6.43
CA SER D 22 -18.32 -18.93 5.73
C SER D 22 -16.80 -18.95 5.74
N CYS D 23 -16.21 -18.36 4.69
CA CYS D 23 -14.76 -18.25 4.53
C CYS D 23 -14.40 -16.82 4.18
N ALA D 24 -13.82 -16.10 5.15
CA ALA D 24 -13.32 -14.75 4.88
C ALA D 24 -11.95 -14.84 4.23
N VAL D 25 -11.76 -14.10 3.14
CA VAL D 25 -10.51 -14.11 2.38
C VAL D 25 -9.86 -12.74 2.49
N SER D 26 -8.57 -12.73 2.84
CA SER D 26 -7.77 -11.52 2.84
C SER D 26 -6.59 -11.69 1.89
N GLY D 27 -6.11 -10.57 1.35
CA GLY D 27 -4.99 -10.58 0.45
C GLY D 27 -5.36 -10.67 -1.02
N TYR D 28 -6.62 -10.98 -1.34
CA TYR D 28 -7.03 -11.09 -2.73
C TYR D 28 -8.55 -10.97 -2.82
N ASN D 29 -9.03 -10.33 -3.87
CA ASN D 29 -10.45 -10.17 -4.13
C ASN D 29 -10.93 -11.38 -4.94
N ILE D 30 -11.94 -12.09 -4.42
CA ILE D 30 -12.28 -13.39 -4.97
C ILE D 30 -13.00 -13.30 -6.32
N THR D 31 -13.56 -12.15 -6.68
CA THR D 31 -14.12 -11.97 -8.02
C THR D 31 -13.05 -11.68 -9.06
N SER D 32 -11.77 -11.63 -8.67
CA SER D 32 -10.69 -11.28 -9.59
C SER D 32 -10.07 -12.47 -10.29
N GLY D 33 -10.15 -13.66 -9.68
CA GLY D 33 -9.59 -14.83 -10.33
C GLY D 33 -9.56 -16.01 -9.38
N TYR D 34 -9.11 -17.14 -9.93
CA TYR D 34 -8.93 -18.36 -9.15
C TYR D 34 -10.25 -18.99 -8.77
N SER D 35 -10.21 -20.26 -8.41
CA SER D 35 -11.37 -20.99 -7.89
C SER D 35 -11.39 -20.93 -6.38
N TRP D 36 -12.58 -21.12 -5.81
CA TRP D 36 -12.76 -21.04 -4.36
C TRP D 36 -13.63 -22.21 -3.92
N ASN D 37 -13.06 -23.12 -3.14
CA ASN D 37 -13.63 -24.45 -2.93
C ASN D 37 -13.82 -24.75 -1.45
N TRP D 38 -14.78 -25.63 -1.17
CA TRP D 38 -14.98 -26.19 0.16
C TRP D 38 -14.59 -27.65 0.15
N ILE D 39 -13.76 -28.06 1.10
CA ILE D 39 -13.27 -29.43 1.20
C ILE D 39 -13.38 -29.86 2.65
N ARG D 40 -13.89 -31.07 2.87
CA ARG D 40 -14.11 -31.58 4.22
C ARG D 40 -13.43 -32.93 4.38
N GLN D 41 -13.13 -33.27 5.63
CA GLN D 41 -12.61 -34.57 5.99
C GLN D 41 -12.97 -34.86 7.44
N THR D 42 -13.33 -36.09 7.73
CA THR D 42 -13.60 -36.47 9.11
C THR D 42 -12.30 -36.85 9.80
N PRO D 43 -12.03 -36.32 11.01
CA PRO D 43 -10.77 -36.63 11.71
C PRO D 43 -10.46 -38.11 11.75
N GLY D 44 -9.30 -38.49 11.20
CA GLY D 44 -8.92 -39.88 11.06
C GLY D 44 -9.39 -40.54 9.78
N LYS D 45 -9.96 -39.77 8.85
CA LYS D 45 -10.50 -40.29 7.61
C LYS D 45 -9.99 -39.44 6.44
N GLY D 46 -10.47 -39.75 5.25
CA GLY D 46 -9.99 -39.12 4.04
C GLY D 46 -10.63 -37.79 3.76
N LEU D 47 -10.17 -37.17 2.67
CA LEU D 47 -10.67 -35.88 2.23
C LEU D 47 -11.73 -36.05 1.16
N GLU D 48 -12.72 -35.16 1.17
CA GLU D 48 -13.79 -35.17 0.17
C GLU D 48 -14.07 -33.75 -0.27
N TRP D 49 -13.84 -33.47 -1.55
CA TRP D 49 -14.19 -32.17 -2.11
C TRP D 49 -15.70 -32.03 -2.22
N VAL D 50 -16.21 -30.86 -1.83
CA VAL D 50 -17.66 -30.63 -1.79
C VAL D 50 -18.11 -29.74 -2.94
N ALA D 51 -17.71 -28.47 -2.91
CA ALA D 51 -18.19 -27.48 -3.86
C ALA D 51 -17.06 -26.56 -4.29
N SER D 52 -17.35 -25.74 -5.29
CA SER D 52 -16.37 -24.82 -5.84
C SER D 52 -17.09 -23.66 -6.49
N VAL D 53 -16.45 -22.50 -6.47
CA VAL D 53 -16.97 -21.29 -7.11
C VAL D 53 -15.80 -20.58 -7.79
N THR D 54 -15.94 -20.33 -9.09
CA THR D 54 -14.90 -19.60 -9.81
C THR D 54 -15.11 -18.10 -9.65
N TYR D 55 -14.14 -17.33 -10.15
CA TYR D 55 -14.23 -15.88 -10.07
C TYR D 55 -15.46 -15.36 -10.81
N ASP D 56 -15.82 -15.98 -11.94
CA ASP D 56 -16.94 -15.50 -12.73
C ASP D 56 -18.29 -15.81 -12.10
N GLY D 57 -18.33 -16.75 -11.16
CA GLY D 57 -19.58 -17.13 -10.51
C GLY D 57 -20.02 -18.55 -10.79
N SER D 58 -19.26 -19.32 -11.56
CA SER D 58 -19.62 -20.69 -11.84
C SER D 58 -19.52 -21.55 -10.59
N THR D 59 -20.52 -22.39 -10.37
CA THR D 59 -20.59 -23.26 -9.20
C THR D 59 -20.57 -24.71 -9.66
N ASN D 60 -19.73 -25.52 -9.02
CA ASN D 60 -19.64 -26.94 -9.30
C ASN D 60 -19.76 -27.71 -8.00
N TYR D 61 -20.47 -28.84 -8.03
CA TYR D 61 -20.78 -29.58 -6.82
C TYR D 61 -20.36 -31.03 -6.96
N ASN D 62 -20.15 -31.67 -5.82
CA ASN D 62 -19.85 -33.10 -5.78
C ASN D 62 -21.14 -33.88 -5.93
N PRO D 63 -21.28 -34.72 -6.96
CA PRO D 63 -22.54 -35.45 -7.15
C PRO D 63 -23.05 -36.14 -5.90
N SER D 64 -22.17 -36.57 -5.00
CA SER D 64 -22.62 -37.28 -3.80
C SER D 64 -23.43 -36.36 -2.88
N VAL D 65 -23.00 -35.10 -2.76
CA VAL D 65 -23.69 -34.15 -1.89
C VAL D 65 -24.62 -33.23 -2.64
N LYS D 66 -24.77 -33.43 -3.96
CA LYS D 66 -25.57 -32.51 -4.76
C LYS D 66 -27.03 -32.55 -4.33
N GLY D 67 -27.68 -31.38 -4.34
CA GLY D 67 -29.07 -31.27 -3.99
C GLY D 67 -29.37 -31.09 -2.52
N ARG D 68 -28.34 -30.99 -1.68
CA ARG D 68 -28.53 -30.79 -0.25
C ARG D 68 -27.66 -29.70 0.34
N ILE D 69 -26.64 -29.23 -0.37
CA ILE D 69 -25.76 -28.17 0.09
C ILE D 69 -25.45 -27.25 -1.07
N THR D 70 -25.44 -25.95 -0.82
CA THR D 70 -25.23 -24.94 -1.85
C THR D 70 -24.16 -23.96 -1.40
N ILE D 71 -23.39 -23.45 -2.38
CA ILE D 71 -22.26 -22.58 -2.13
C ILE D 71 -22.54 -21.23 -2.77
N SER D 72 -22.37 -20.15 -2.00
CA SER D 72 -22.60 -18.80 -2.49
C SER D 72 -21.45 -17.89 -2.08
N ARG D 73 -21.30 -16.79 -2.83
CA ARG D 73 -20.26 -15.81 -2.56
C ARG D 73 -20.88 -14.44 -2.36
N ASP D 74 -20.12 -13.55 -1.71
CA ASP D 74 -20.54 -12.18 -1.41
C ASP D 74 -19.37 -11.27 -1.76
N GLY D 75 -19.45 -10.59 -2.91
CA GLY D 75 -18.31 -9.83 -3.39
C GLY D 75 -17.95 -8.65 -2.51
N SER D 76 -18.95 -7.99 -1.92
CA SER D 76 -18.66 -6.82 -1.11
C SER D 76 -17.94 -7.19 0.18
N LYS D 77 -18.23 -8.36 0.75
CA LYS D 77 -17.55 -8.83 1.95
C LYS D 77 -16.39 -9.76 1.65
N ASN D 78 -16.05 -9.94 0.38
CA ASN D 78 -14.99 -10.86 -0.03
C ASN D 78 -15.07 -12.18 0.74
N THR D 79 -16.27 -12.73 0.78
CA THR D 79 -16.54 -13.95 1.53
C THR D 79 -17.47 -14.83 0.72
N PHE D 80 -17.17 -16.13 0.67
CA PHE D 80 -18.06 -17.10 0.05
C PHE D 80 -18.49 -18.10 1.11
N TYR D 81 -19.71 -18.62 0.96
CA TYR D 81 -20.38 -19.34 2.02
C TYR D 81 -20.71 -20.76 1.56
N LEU D 82 -21.01 -21.61 2.54
CA LEU D 82 -21.50 -22.97 2.30
C LEU D 82 -22.70 -23.19 3.22
N GLN D 83 -23.90 -23.25 2.64
CA GLN D 83 -25.12 -23.55 3.37
C GLN D 83 -25.38 -25.05 3.32
N MET D 84 -25.63 -25.65 4.48
CA MET D 84 -25.86 -27.09 4.58
C MET D 84 -27.18 -27.33 5.30
N ASN D 85 -28.05 -28.14 4.69
CA ASN D 85 -29.36 -28.43 5.24
C ASN D 85 -29.58 -29.93 5.29
N SER D 86 -30.52 -30.36 6.15
CA SER D 86 -30.84 -31.77 6.33
C SER D 86 -29.58 -32.57 6.69
N LEU D 87 -28.88 -32.08 7.71
CA LEU D 87 -27.58 -32.64 8.06
C LEU D 87 -27.73 -34.04 8.64
N ARG D 88 -26.77 -34.90 8.31
CA ARG D 88 -26.72 -36.27 8.82
C ARG D 88 -25.38 -36.50 9.51
N ALA D 89 -25.40 -37.34 10.55
CA ALA D 89 -24.17 -37.63 11.29
C ALA D 89 -23.03 -38.01 10.35
N GLU D 90 -23.35 -38.59 9.20
CA GLU D 90 -22.35 -38.83 8.18
C GLU D 90 -21.64 -37.55 7.77
N ASP D 91 -22.30 -36.40 7.94
CA ASP D 91 -21.75 -35.14 7.47
C ASP D 91 -20.60 -34.66 8.34
N THR D 92 -20.68 -34.89 9.66
CA THR D 92 -19.77 -34.26 10.61
C THR D 92 -18.32 -34.41 10.16
N ALA D 93 -17.62 -33.29 10.11
CA ALA D 93 -16.23 -33.27 9.65
C ALA D 93 -15.70 -31.86 9.79
N VAL D 94 -14.38 -31.74 9.66
CA VAL D 94 -13.74 -30.44 9.53
C VAL D 94 -13.92 -29.95 8.10
N TYR D 95 -14.43 -28.72 7.96
CA TYR D 95 -14.68 -28.14 6.64
C TYR D 95 -13.60 -27.10 6.38
N TYR D 96 -12.76 -27.38 5.39
CA TYR D 96 -11.65 -26.52 5.01
C TYR D 96 -12.05 -25.60 3.86
N CYS D 97 -11.55 -24.38 3.91
CA CYS D 97 -11.65 -23.44 2.81
C CYS D 97 -10.39 -23.53 1.97
N ALA D 98 -10.53 -23.45 0.65
CA ALA D 98 -9.37 -23.65 -0.21
C ALA D 98 -9.47 -22.81 -1.46
N LYS D 99 -8.32 -22.29 -1.91
CA LYS D 99 -8.19 -21.55 -3.15
C LYS D 99 -7.44 -22.39 -4.18
N GLY D 100 -7.95 -22.40 -5.41
CA GLY D 100 -7.45 -23.27 -6.46
C GLY D 100 -6.75 -22.49 -7.55
N ASN D 101 -5.62 -23.02 -8.01
CA ASN D 101 -4.88 -22.46 -9.13
C ASN D 101 -5.16 -23.28 -10.38
N ASN D 102 -5.30 -22.60 -11.51
CA ASN D 102 -5.63 -23.27 -12.76
C ASN D 102 -4.36 -23.64 -13.51
N TYR D 103 -4.39 -24.83 -14.10
CA TYR D 103 -3.28 -25.34 -14.94
C TYR D 103 -3.91 -25.98 -16.17
N PHE D 104 -4.17 -25.17 -17.20
CA PHE D 104 -4.74 -25.65 -18.46
C PHE D 104 -6.07 -26.37 -18.23
N GLY D 105 -6.93 -25.74 -17.41
CA GLY D 105 -8.28 -26.23 -17.21
C GLY D 105 -8.46 -27.21 -16.07
N HIS D 106 -7.41 -27.49 -15.30
CA HIS D 106 -7.48 -28.42 -14.18
C HIS D 106 -6.89 -27.74 -12.96
N TRP D 107 -7.61 -27.82 -11.85
CA TRP D 107 -7.33 -27.01 -10.67
C TRP D 107 -6.62 -27.83 -9.60
N HIS D 108 -5.73 -27.18 -8.88
CA HIS D 108 -5.10 -27.75 -7.68
C HIS D 108 -5.23 -26.75 -6.54
N PHE D 109 -5.32 -27.26 -5.32
CA PHE D 109 -5.62 -26.44 -4.14
C PHE D 109 -4.30 -25.91 -3.58
N ALA D 110 -4.01 -24.64 -3.85
CA ALA D 110 -2.73 -24.06 -3.49
C ALA D 110 -2.71 -23.57 -2.05
N VAL D 111 -3.75 -22.83 -1.64
CA VAL D 111 -3.82 -22.25 -0.30
C VAL D 111 -5.06 -22.81 0.40
N TRP D 112 -4.88 -23.24 1.64
CA TRP D 112 -5.96 -23.82 2.44
C TRP D 112 -6.21 -22.97 3.67
N GLY D 113 -7.41 -23.11 4.23
CA GLY D 113 -7.76 -22.46 5.48
C GLY D 113 -7.40 -23.33 6.67
N GLN D 114 -7.68 -22.80 7.86
CA GLN D 114 -7.45 -23.58 9.07
C GLN D 114 -8.52 -24.64 9.29
N GLY D 115 -9.66 -24.53 8.60
CA GLY D 115 -10.74 -25.47 8.78
C GLY D 115 -11.60 -25.17 10.00
N THR D 116 -12.91 -25.42 9.88
CA THR D 116 -13.82 -25.33 11.00
C THR D 116 -14.59 -26.64 11.11
N LEU D 117 -14.91 -27.02 12.34
CA LEU D 117 -15.49 -28.33 12.62
C LEU D 117 -17.00 -28.23 12.79
N VAL D 118 -17.73 -29.11 12.10
CA VAL D 118 -19.17 -29.24 12.25
C VAL D 118 -19.47 -30.63 12.79
N THR D 119 -20.14 -30.69 13.95
CA THR D 119 -20.46 -31.95 14.60
C THR D 119 -21.98 -32.10 14.67
N VAL D 120 -22.48 -33.23 14.19
CA VAL D 120 -23.91 -33.55 14.23
C VAL D 120 -24.13 -34.60 15.30
N SER D 121 -24.90 -34.26 16.32
CA SER D 121 -25.18 -35.21 17.39
C SER D 121 -26.12 -36.30 16.89
N SER D 122 -26.09 -37.43 17.59
CA SER D 122 -26.94 -38.56 17.24
C SER D 122 -28.40 -38.27 17.54
N GLY D 123 -29.29 -38.61 16.62
CA GLY D 123 -28.90 -39.25 15.37
C GLY D 123 -30.08 -39.77 14.57
N GLY E 1 -20.01 -43.87 -6.58
CA GLY E 1 -20.60 -44.04 -7.90
C GLY E 1 -19.59 -44.44 -8.95
N SER E 2 -19.60 -43.72 -10.09
CA SER E 2 -18.68 -43.97 -11.19
C SER E 2 -17.50 -43.01 -11.20
N ASP E 3 -17.23 -42.34 -10.07
CA ASP E 3 -16.16 -41.37 -10.02
C ASP E 3 -14.80 -42.06 -10.05
N ILE E 4 -13.76 -41.24 -10.26
CA ILE E 4 -12.39 -41.74 -10.21
C ILE E 4 -12.06 -42.15 -8.78
N GLN E 5 -11.61 -43.39 -8.61
CA GLN E 5 -11.26 -43.92 -7.29
C GLN E 5 -9.74 -44.07 -7.21
N LEU E 6 -9.12 -43.39 -6.26
CA LEU E 6 -7.67 -43.41 -6.08
C LEU E 6 -7.30 -44.37 -4.95
N THR E 7 -6.35 -45.26 -5.23
CA THR E 7 -5.84 -46.21 -4.26
C THR E 7 -4.38 -45.89 -3.96
N GLN E 8 -4.04 -45.76 -2.68
CA GLN E 8 -2.69 -45.42 -2.25
C GLN E 8 -2.07 -46.58 -1.50
N SER E 9 -0.79 -46.83 -1.75
CA SER E 9 -0.05 -47.86 -1.05
C SER E 9 1.39 -47.39 -0.80
N PRO E 10 1.91 -47.67 0.40
CA PRO E 10 1.22 -48.37 1.49
C PRO E 10 0.14 -47.50 2.13
N SER E 11 -0.81 -48.13 2.82
CA SER E 11 -1.75 -47.36 3.63
C SER E 11 -1.08 -46.80 4.86
N SER E 12 -0.06 -47.49 5.37
CA SER E 12 0.71 -47.06 6.54
C SER E 12 2.15 -47.53 6.38
N LEU E 13 3.07 -46.82 7.02
CA LEU E 13 4.45 -47.26 7.06
C LEU E 13 5.16 -46.53 8.18
N SER E 14 6.27 -47.10 8.62
CA SER E 14 7.11 -46.49 9.64
C SER E 14 8.55 -46.49 9.14
N ALA E 15 9.24 -45.36 9.30
CA ALA E 15 10.61 -45.22 8.85
C ALA E 15 11.37 -44.32 9.81
N SER E 16 12.65 -44.13 9.53
CA SER E 16 13.52 -43.30 10.34
C SER E 16 13.99 -42.10 9.54
N VAL E 17 14.61 -41.14 10.23
CA VAL E 17 15.14 -39.97 9.56
C VAL E 17 16.23 -40.39 8.58
N GLY E 18 16.06 -40.01 7.31
CA GLY E 18 17.03 -40.28 6.26
C GLY E 18 16.66 -41.43 5.35
N ASP E 19 15.62 -42.20 5.70
CA ASP E 19 15.21 -43.29 4.84
C ASP E 19 14.52 -42.74 3.60
N ARG E 20 14.73 -43.41 2.47
CA ARG E 20 13.96 -43.09 1.28
C ARG E 20 12.57 -43.69 1.41
N VAL E 21 11.57 -42.93 0.98
CA VAL E 21 10.19 -43.36 1.01
C VAL E 21 9.63 -43.28 -0.40
N THR E 22 8.87 -44.30 -0.80
CA THR E 22 8.20 -44.33 -2.09
C THR E 22 6.74 -44.67 -1.86
N ILE E 23 5.85 -43.72 -2.16
CA ILE E 23 4.41 -43.89 -2.02
C ILE E 23 3.80 -43.91 -3.41
N THR E 24 2.88 -44.84 -3.65
CA THR E 24 2.24 -45.01 -4.94
C THR E 24 0.77 -44.61 -4.89
N CYS E 25 0.24 -44.20 -6.04
CA CYS E 25 -1.16 -43.84 -6.19
C CYS E 25 -1.66 -44.44 -7.49
N ARG E 26 -2.78 -45.16 -7.43
CA ARG E 26 -3.36 -45.76 -8.62
C ARG E 26 -4.81 -45.31 -8.74
N ALA E 27 -5.16 -44.78 -9.92
CA ALA E 27 -6.51 -44.32 -10.19
C ALA E 27 -7.29 -45.38 -10.96
N SER E 28 -8.59 -45.14 -11.11
CA SER E 28 -9.44 -46.06 -11.85
C SER E 28 -9.27 -45.90 -13.36
N LYS E 29 -9.11 -44.67 -13.82
CA LYS E 29 -9.00 -44.38 -15.23
C LYS E 29 -7.73 -43.56 -15.47
N SER E 30 -7.39 -43.39 -16.74
CA SER E 30 -6.24 -42.57 -17.09
C SER E 30 -6.54 -41.10 -16.86
N VAL E 31 -5.74 -40.45 -16.02
CA VAL E 31 -5.85 -39.03 -15.76
C VAL E 31 -5.02 -38.20 -16.73
N ASP E 32 -4.55 -38.80 -17.81
CA ASP E 32 -3.77 -38.05 -18.80
C ASP E 32 -4.68 -37.27 -19.74
N SER E 33 -4.25 -36.05 -20.07
CA SER E 33 -4.99 -35.21 -21.00
C SER E 33 -4.03 -34.22 -21.62
N ASP E 34 -3.97 -34.19 -22.95
CA ASP E 34 -3.10 -33.25 -23.68
C ASP E 34 -1.63 -33.49 -23.33
N GLY E 35 -1.27 -34.76 -23.20
CA GLY E 35 0.11 -35.14 -22.95
C GLY E 35 0.61 -34.90 -21.55
N ASP E 36 -0.29 -34.65 -20.59
CA ASP E 36 0.12 -34.40 -19.22
C ASP E 36 -0.84 -35.09 -18.26
N SER E 37 -0.30 -35.51 -17.12
CA SER E 37 -1.06 -36.21 -16.09
C SER E 37 -1.42 -35.24 -14.98
N TYR E 38 -2.70 -35.24 -14.59
CA TYR E 38 -3.21 -34.27 -13.62
C TYR E 38 -3.42 -34.96 -12.27
N MET E 39 -2.30 -35.36 -11.67
CA MET E 39 -2.29 -35.98 -10.35
C MET E 39 -1.57 -35.03 -9.38
N ASN E 40 -2.21 -34.78 -8.24
CA ASN E 40 -1.69 -33.85 -7.25
C ASN E 40 -1.35 -34.58 -5.95
N TRP E 41 -0.38 -34.06 -5.22
CA TRP E 41 0.06 -34.62 -3.96
C TRP E 41 0.00 -33.56 -2.88
N TYR E 42 -0.55 -33.92 -1.72
CA TYR E 42 -0.68 -33.01 -0.59
C TYR E 42 -0.09 -33.64 0.65
N GLN E 43 0.55 -32.82 1.48
CA GLN E 43 1.05 -33.23 2.77
C GLN E 43 0.16 -32.65 3.86
N GLN E 44 -0.16 -33.45 4.87
CA GLN E 44 -1.00 -32.99 5.99
C GLN E 44 -0.46 -33.54 7.29
N LYS E 45 0.03 -32.64 8.16
CA LYS E 45 0.48 -33.00 9.49
C LYS E 45 -0.68 -33.00 10.48
N PRO E 46 -0.56 -33.75 11.57
CA PRO E 46 -1.69 -33.87 12.51
C PRO E 46 -2.12 -32.51 13.03
N GLY E 47 -3.43 -32.28 13.06
CA GLY E 47 -3.98 -31.03 13.51
C GLY E 47 -3.80 -29.87 12.56
N ARG E 48 -3.33 -30.12 11.34
CA ARG E 48 -3.11 -29.08 10.36
C ARG E 48 -3.86 -29.40 9.07
N ALA E 49 -4.02 -28.38 8.24
CA ALA E 49 -4.67 -28.54 6.95
C ALA E 49 -3.68 -29.06 5.93
N PRO E 50 -4.16 -29.69 4.86
CA PRO E 50 -3.27 -30.20 3.82
C PRO E 50 -2.50 -29.09 3.15
N LYS E 51 -1.27 -29.39 2.76
CA LYS E 51 -0.40 -28.46 2.05
C LYS E 51 -0.07 -29.04 0.69
N LEU E 52 -0.07 -28.17 -0.32
CA LEU E 52 0.19 -28.63 -1.68
C LEU E 52 1.68 -28.89 -1.87
N LEU E 53 2.01 -30.06 -2.42
CA LEU E 53 3.39 -30.43 -2.73
C LEU E 53 3.65 -30.54 -4.22
N ILE E 54 2.84 -31.31 -4.94
CA ILE E 54 3.02 -31.53 -6.37
C ILE E 54 1.69 -31.33 -7.07
N TYR E 55 1.72 -30.66 -8.21
CA TYR E 55 0.56 -30.56 -9.09
C TYR E 55 0.98 -31.04 -10.48
N ALA E 56 0.03 -31.66 -11.18
CA ALA E 56 0.27 -32.22 -12.50
C ALA E 56 1.29 -33.38 -12.45
N ALA E 57 1.35 -34.07 -11.30
CA ALA E 57 2.09 -35.30 -11.03
C ALA E 57 3.63 -35.10 -10.97
N SER E 58 4.16 -33.95 -11.31
CA SER E 58 5.61 -33.84 -11.44
C SER E 58 6.18 -32.46 -11.15
N TYR E 59 5.37 -31.46 -10.82
CA TYR E 59 5.85 -30.09 -10.69
C TYR E 59 5.77 -29.68 -9.22
N LEU E 60 6.93 -29.41 -8.62
CA LEU E 60 6.99 -28.91 -7.26
C LEU E 60 6.33 -27.54 -7.17
N GLU E 61 5.42 -27.38 -6.21
CA GLU E 61 4.94 -26.05 -5.86
C GLU E 61 6.11 -25.20 -5.36
N SER E 62 5.99 -23.89 -5.55
CA SER E 62 7.07 -22.99 -5.18
C SER E 62 7.50 -23.20 -3.73
N GLY E 63 8.81 -23.31 -3.52
CA GLY E 63 9.37 -23.42 -2.18
C GLY E 63 9.46 -24.82 -1.62
N VAL E 64 8.76 -25.80 -2.19
CA VAL E 64 8.82 -27.16 -1.67
C VAL E 64 10.23 -27.71 -1.85
N PRO E 65 10.79 -28.39 -0.86
CA PRO E 65 12.19 -28.83 -0.97
C PRO E 65 12.37 -29.91 -2.03
N SER E 66 13.57 -29.95 -2.61
CA SER E 66 13.80 -30.80 -3.76
C SER E 66 13.74 -32.28 -3.42
N ARG E 67 13.79 -32.64 -2.13
CA ARG E 67 13.75 -34.06 -1.76
C ARG E 67 12.44 -34.72 -2.15
N PHE E 68 11.37 -33.94 -2.35
CA PHE E 68 10.10 -34.47 -2.79
C PHE E 68 10.08 -34.56 -4.30
N SER E 69 9.59 -35.68 -4.83
CA SER E 69 9.63 -35.93 -6.26
C SER E 69 8.32 -36.60 -6.69
N GLY E 70 7.78 -36.13 -7.80
CA GLY E 70 6.59 -36.71 -8.39
C GLY E 70 6.93 -37.40 -9.70
N SER E 71 6.31 -38.56 -9.92
CA SER E 71 6.56 -39.29 -11.15
C SER E 71 5.36 -40.19 -11.42
N GLY E 72 5.15 -40.50 -12.70
CA GLY E 72 4.07 -41.38 -13.10
C GLY E 72 3.28 -40.79 -14.25
N SER E 73 2.38 -41.64 -14.77
CA SER E 73 1.50 -41.26 -15.87
C SER E 73 0.35 -42.25 -15.92
N GLY E 74 -0.66 -41.92 -16.71
CA GLY E 74 -1.82 -42.77 -16.87
C GLY E 74 -2.55 -43.05 -15.58
N THR E 75 -2.37 -44.26 -15.05
CA THR E 75 -3.04 -44.67 -13.81
C THR E 75 -2.08 -44.91 -12.65
N ASP E 76 -0.77 -44.82 -12.89
CA ASP E 76 0.24 -45.16 -11.88
C ASP E 76 1.10 -43.92 -11.59
N PHE E 77 1.15 -43.52 -10.33
CA PHE E 77 1.91 -42.36 -9.90
C PHE E 77 2.62 -42.66 -8.59
N THR E 78 3.83 -42.11 -8.44
CA THR E 78 4.65 -42.38 -7.27
C THR E 78 5.25 -41.10 -6.72
N LEU E 79 5.06 -40.86 -5.42
CA LEU E 79 5.71 -39.78 -4.70
C LEU E 79 6.85 -40.35 -3.88
N THR E 80 8.08 -39.94 -4.21
CA THR E 80 9.28 -40.45 -3.54
C THR E 80 9.96 -39.33 -2.78
N ILE E 81 10.26 -39.59 -1.51
CA ILE E 81 11.05 -38.68 -0.68
C ILE E 81 12.45 -39.26 -0.58
N SER E 82 13.42 -38.59 -1.18
CA SER E 82 14.79 -39.11 -1.20
C SER E 82 15.28 -39.45 0.20
N SER E 83 15.25 -38.48 1.11
CA SER E 83 15.71 -38.69 2.49
C SER E 83 14.71 -38.06 3.44
N LEU E 84 14.08 -38.88 4.27
CA LEU E 84 13.06 -38.42 5.19
C LEU E 84 13.66 -37.47 6.23
N GLN E 85 12.95 -36.39 6.53
CA GLN E 85 13.34 -35.42 7.53
C GLN E 85 12.31 -35.37 8.65
N PRO E 86 12.68 -34.88 9.83
CA PRO E 86 11.72 -34.82 10.93
C PRO E 86 10.43 -34.10 10.56
N GLU E 87 10.50 -33.09 9.69
CA GLU E 87 9.31 -32.35 9.29
C GLU E 87 8.50 -33.06 8.20
N ASP E 88 8.98 -34.20 7.71
CA ASP E 88 8.30 -34.90 6.63
C ASP E 88 7.33 -35.96 7.13
N PHE E 89 7.34 -36.28 8.41
CA PHE E 89 6.42 -37.28 8.96
C PHE E 89 5.01 -36.72 8.98
N ALA E 90 4.15 -37.27 8.14
CA ALA E 90 2.78 -36.78 8.00
C ALA E 90 1.99 -37.79 7.19
N THR E 91 0.72 -37.47 6.98
CA THR E 91 -0.13 -38.24 6.08
C THR E 91 -0.14 -37.56 4.71
N TYR E 92 0.05 -38.35 3.66
CA TYR E 92 0.12 -37.85 2.30
C TYR E 92 -1.09 -38.32 1.51
N TYR E 93 -1.63 -37.43 0.69
CA TYR E 93 -2.81 -37.70 -0.13
C TYR E 93 -2.51 -37.42 -1.60
N CYS E 94 -3.01 -38.27 -2.48
CA CYS E 94 -3.00 -38.02 -3.91
C CYS E 94 -4.40 -37.66 -4.37
N GLN E 95 -4.51 -36.60 -5.16
CA GLN E 95 -5.78 -36.10 -5.64
C GLN E 95 -5.72 -35.89 -7.14
N GLN E 96 -6.78 -36.27 -7.84
CA GLN E 96 -6.84 -36.17 -9.29
C GLN E 96 -7.70 -34.98 -9.70
N SER E 97 -7.23 -34.22 -10.69
CA SER E 97 -7.94 -33.06 -11.21
C SER E 97 -8.38 -33.25 -12.65
N HIS E 98 -8.55 -34.50 -13.09
CA HIS E 98 -8.89 -34.79 -14.48
C HIS E 98 -10.39 -34.72 -14.73
N GLU E 99 -11.21 -35.26 -13.82
CA GLU E 99 -12.65 -35.32 -14.00
C GLU E 99 -13.35 -34.84 -12.74
N ASP E 100 -14.55 -34.29 -12.92
CA ASP E 100 -15.39 -33.92 -11.80
C ASP E 100 -16.25 -35.12 -11.42
N PRO E 101 -16.39 -35.38 -10.12
CA PRO E 101 -15.81 -34.62 -9.02
C PRO E 101 -14.36 -35.00 -8.74
N TYR E 102 -13.61 -34.08 -8.13
CA TYR E 102 -12.25 -34.38 -7.73
C TYR E 102 -12.25 -35.31 -6.53
N THR E 103 -11.35 -36.29 -6.56
CA THR E 103 -11.30 -37.33 -5.54
C THR E 103 -9.91 -37.37 -4.90
N PHE E 104 -9.87 -37.86 -3.67
CA PHE E 104 -8.63 -38.00 -2.91
C PHE E 104 -8.38 -39.46 -2.59
N GLY E 105 -7.11 -39.80 -2.42
CA GLY E 105 -6.76 -41.11 -1.90
C GLY E 105 -7.17 -41.25 -0.45
N GLN E 106 -7.03 -42.47 0.06
CA GLN E 106 -7.36 -42.71 1.47
C GLN E 106 -6.30 -42.15 2.41
N GLY E 107 -5.15 -41.72 1.91
CA GLY E 107 -4.05 -41.29 2.75
C GLY E 107 -3.07 -42.40 3.11
N THR E 108 -1.77 -42.07 3.09
CA THR E 108 -0.71 -42.95 3.57
C THR E 108 0.04 -42.21 4.68
N LYS E 109 0.08 -42.80 5.86
CA LYS E 109 0.71 -42.18 7.03
C LYS E 109 2.12 -42.71 7.19
N VAL E 110 3.10 -41.79 7.22
CA VAL E 110 4.48 -42.14 7.53
C VAL E 110 4.73 -41.86 9.00
N GLU E 111 5.17 -42.86 9.74
CA GLU E 111 5.39 -42.77 11.17
C GLU E 111 6.86 -42.94 11.50
N ILE E 112 7.28 -42.32 12.61
CA ILE E 112 8.64 -42.50 13.12
C ILE E 112 8.79 -43.92 13.63
N LYS E 113 9.86 -44.59 13.23
CA LYS E 113 10.11 -45.96 13.70
C LYS E 113 10.50 -45.91 15.17
N GLY E 114 9.64 -46.44 16.04
CA GLY E 114 9.93 -46.48 17.47
C GLY E 114 9.48 -47.78 18.09
N GLY E 115 10.05 -48.09 19.25
CA GLY E 115 9.77 -49.34 19.94
C GLY E 115 8.32 -49.52 20.29
N TYR F 14 13.13 -20.17 -21.90
CA TYR F 14 12.10 -19.90 -22.89
C TYR F 14 11.18 -18.74 -22.46
N LEU F 15 10.72 -18.79 -21.21
CA LEU F 15 9.83 -17.76 -20.65
C LEU F 15 10.63 -16.76 -19.85
N SER F 16 10.49 -15.47 -20.18
CA SER F 16 11.18 -14.39 -19.51
C SER F 16 10.17 -13.40 -18.95
N ARG F 17 10.47 -12.83 -17.79
CA ARG F 17 9.57 -11.88 -17.17
C ARG F 17 9.65 -10.53 -17.90
N PRO F 18 8.52 -9.86 -18.09
CA PRO F 18 8.57 -8.53 -18.72
C PRO F 18 9.35 -7.54 -17.88
N SER F 19 10.07 -6.65 -18.55
CA SER F 19 10.85 -5.65 -17.84
C SER F 19 9.91 -4.64 -17.15
N PRO F 20 10.35 -4.07 -16.03
CA PRO F 20 9.53 -3.04 -15.38
C PRO F 20 9.22 -1.85 -16.27
N PHE F 21 10.08 -1.56 -17.25
CA PHE F 21 9.80 -0.47 -18.18
C PHE F 21 8.62 -0.81 -19.08
N ASP F 22 8.69 -1.94 -19.78
CA ASP F 22 7.64 -2.30 -20.72
C ASP F 22 6.29 -2.43 -20.02
N LEU F 23 6.30 -2.89 -18.76
CA LEU F 23 5.07 -3.10 -18.02
C LEU F 23 4.48 -1.79 -17.50
N PHE F 24 5.32 -0.81 -17.17
CA PHE F 24 4.87 0.42 -16.56
C PHE F 24 4.85 1.62 -17.49
N ILE F 25 5.78 1.68 -18.46
CA ILE F 25 5.85 2.81 -19.38
C ILE F 25 5.04 2.49 -20.63
N ARG F 26 5.48 1.49 -21.40
CA ARG F 26 4.74 1.11 -22.60
C ARG F 26 3.35 0.60 -22.25
N LYS F 27 3.19 -0.02 -21.09
CA LYS F 27 1.91 -0.54 -20.61
C LYS F 27 1.27 -1.51 -21.59
N SER F 28 2.05 -2.03 -22.54
CA SER F 28 1.62 -3.09 -23.44
C SER F 28 2.69 -4.18 -23.46
N PRO F 29 2.88 -4.87 -22.35
CA PRO F 29 3.87 -5.94 -22.27
C PRO F 29 3.29 -7.28 -22.71
N THR F 30 4.19 -8.23 -22.92
CA THR F 30 3.82 -9.58 -23.34
C THR F 30 4.84 -10.57 -22.78
N ILE F 31 4.65 -11.84 -23.13
CA ILE F 31 5.58 -12.90 -22.74
C ILE F 31 5.72 -13.87 -23.90
N THR F 32 6.87 -14.54 -23.96
CA THR F 32 7.22 -15.37 -25.10
C THR F 32 7.78 -16.71 -24.63
N CYS F 33 7.65 -17.72 -25.47
CA CYS F 33 8.28 -19.02 -25.25
C CYS F 33 8.43 -19.79 -26.55
N LYS F 42 9.84 -32.41 -37.73
CA LYS F 42 9.29 -33.75 -37.94
C LYS F 42 7.79 -33.76 -37.68
N GLY F 43 7.39 -33.07 -36.60
CA GLY F 43 5.99 -32.92 -36.29
C GLY F 43 5.69 -31.46 -35.97
N THR F 44 4.42 -31.10 -36.16
CA THR F 44 3.97 -29.72 -35.93
C THR F 44 3.81 -29.50 -34.42
N VAL F 45 4.79 -28.81 -33.82
CA VAL F 45 4.72 -28.41 -32.43
C VAL F 45 3.34 -27.80 -32.15
N ASN F 46 2.87 -27.94 -30.91
CA ASN F 46 1.56 -27.39 -30.53
C ASN F 46 1.72 -26.77 -29.14
N LEU F 47 2.01 -25.47 -29.12
CA LEU F 47 2.13 -24.73 -27.87
C LEU F 47 0.74 -24.44 -27.29
N THR F 48 0.72 -23.95 -26.06
CA THR F 48 -0.52 -23.62 -25.37
C THR F 48 -0.19 -22.76 -24.16
N TRP F 49 -1.03 -21.76 -23.90
CA TRP F 49 -0.89 -20.90 -22.74
C TRP F 49 -1.95 -21.23 -21.71
N SER F 50 -1.64 -20.93 -20.45
CA SER F 50 -2.58 -21.14 -19.35
C SER F 50 -2.29 -20.13 -18.25
N ARG F 51 -3.36 -19.55 -17.71
CA ARG F 51 -3.25 -18.58 -16.63
C ARG F 51 -3.67 -19.24 -15.32
N ALA F 52 -2.82 -19.13 -14.29
CA ALA F 52 -3.10 -19.78 -13.03
C ALA F 52 -4.42 -19.31 -12.42
N SER F 53 -4.71 -18.02 -12.54
CA SER F 53 -5.94 -17.48 -11.96
C SER F 53 -7.16 -18.01 -12.67
N GLY F 54 -7.11 -18.07 -14.00
CA GLY F 54 -8.26 -18.57 -14.73
C GLY F 54 -7.91 -18.74 -16.18
N LYS F 55 -8.89 -19.20 -16.93
CA LYS F 55 -8.77 -19.38 -18.37
C LYS F 55 -9.36 -18.23 -19.19
N PRO F 56 -9.62 -17.04 -18.62
CA PRO F 56 -10.22 -16.01 -19.46
C PRO F 56 -9.31 -15.51 -20.57
N VAL F 57 -8.02 -15.34 -20.29
CA VAL F 57 -7.13 -14.73 -21.28
C VAL F 57 -7.00 -15.64 -22.49
N ASN F 58 -6.99 -15.05 -23.67
CA ASN F 58 -6.99 -15.77 -24.94
C ASN F 58 -5.61 -15.65 -25.58
N HIS F 59 -5.10 -16.79 -26.07
CA HIS F 59 -3.79 -16.80 -26.71
C HIS F 59 -3.79 -15.91 -27.94
N SER F 60 -2.68 -15.22 -28.16
CA SER F 60 -2.48 -14.36 -29.31
C SER F 60 -1.33 -14.90 -30.15
N THR F 61 -1.53 -14.94 -31.46
CA THR F 61 -0.54 -15.49 -32.40
C THR F 61 0.88 -15.03 -32.07
N LEU F 72 14.97 -22.76 -31.17
CA LEU F 72 14.62 -21.46 -31.71
C LEU F 72 13.71 -21.61 -32.93
N THR F 73 13.24 -22.83 -33.18
CA THR F 73 12.44 -23.09 -34.37
C THR F 73 11.04 -22.49 -34.26
N VAL F 74 10.44 -22.55 -33.08
CA VAL F 74 9.07 -22.10 -32.87
C VAL F 74 8.97 -21.35 -31.55
N THR F 75 8.16 -20.29 -31.54
CA THR F 75 7.91 -19.51 -30.34
C THR F 75 6.53 -18.87 -30.45
N SER F 76 6.06 -18.33 -29.32
CA SER F 76 4.77 -17.66 -29.27
C SER F 76 4.83 -16.54 -28.24
N THR F 77 4.17 -15.42 -28.54
CA THR F 77 4.16 -14.25 -27.67
C THR F 77 2.71 -13.84 -27.42
N LEU F 78 2.24 -14.05 -26.18
CA LEU F 78 0.88 -13.70 -25.78
C LEU F 78 0.88 -12.40 -24.98
N PRO F 79 -0.04 -11.48 -25.29
CA PRO F 79 -0.11 -10.22 -24.54
C PRO F 79 -0.59 -10.44 -23.12
N VAL F 80 0.06 -9.76 -22.18
CA VAL F 80 -0.27 -9.85 -20.77
C VAL F 80 -0.75 -8.49 -20.29
N GLY F 81 -1.49 -8.49 -19.19
CA GLY F 81 -2.02 -7.28 -18.59
C GLY F 81 -1.16 -6.82 -17.44
N THR F 82 -1.01 -5.50 -17.32
CA THR F 82 -0.17 -4.94 -16.27
C THR F 82 -0.76 -5.20 -14.89
N ARG F 83 -2.07 -4.97 -14.72
CA ARG F 83 -2.70 -5.23 -13.43
C ARG F 83 -2.53 -6.69 -13.02
N ASP F 84 -2.50 -7.61 -13.98
CA ASP F 84 -2.39 -9.02 -13.65
C ASP F 84 -0.99 -9.39 -13.14
N TRP F 85 0.05 -8.74 -13.67
CA TRP F 85 1.39 -9.07 -13.21
C TRP F 85 1.63 -8.55 -11.80
N ILE F 86 1.07 -7.39 -11.47
CA ILE F 86 1.25 -6.86 -10.12
C ILE F 86 0.48 -7.69 -9.10
N GLU F 87 -0.73 -8.13 -9.46
CA GLU F 87 -1.52 -8.91 -8.51
C GLU F 87 -1.01 -10.35 -8.36
N GLY F 88 0.05 -10.73 -9.05
CA GLY F 88 0.67 -12.03 -8.87
C GLY F 88 0.26 -13.10 -9.84
N GLU F 89 -0.35 -12.75 -10.96
CA GLU F 89 -0.77 -13.75 -11.93
C GLU F 89 0.42 -14.54 -12.44
N THR F 90 0.23 -15.84 -12.61
CA THR F 90 1.25 -16.73 -13.12
C THR F 90 0.84 -17.26 -14.49
N TYR F 91 1.77 -17.19 -15.44
CA TYR F 91 1.54 -17.67 -16.80
C TYR F 91 2.50 -18.81 -17.08
N GLN F 92 2.00 -19.83 -17.77
CA GLN F 92 2.79 -21.03 -18.02
C GLN F 92 2.66 -21.43 -19.48
N CYS F 93 3.76 -21.95 -20.03
CA CYS F 93 3.87 -22.29 -21.44
C CYS F 93 3.98 -23.81 -21.57
N ARG F 94 2.99 -24.43 -22.19
CA ARG F 94 2.98 -25.87 -22.44
C ARG F 94 3.41 -26.14 -23.88
N VAL F 95 4.23 -27.18 -24.06
CA VAL F 95 4.75 -27.57 -25.36
C VAL F 95 4.51 -29.06 -25.58
N THR F 96 4.32 -29.44 -26.83
CA THR F 96 4.16 -30.85 -27.18
C THR F 96 4.99 -31.21 -28.42
N ALA F 103 5.47 -33.37 -21.23
CA ALA F 103 6.38 -32.51 -21.97
C ALA F 103 6.88 -31.36 -21.10
N LEU F 104 7.84 -30.60 -21.62
CA LEU F 104 8.46 -29.53 -20.85
C LEU F 104 7.54 -28.33 -20.73
N MET F 105 7.61 -27.66 -19.59
CA MET F 105 6.81 -26.47 -19.33
C MET F 105 7.65 -25.45 -18.55
N ARG F 106 7.37 -24.18 -18.79
CA ARG F 106 8.03 -23.09 -18.11
C ARG F 106 7.00 -22.18 -17.47
N SER F 107 7.33 -21.65 -16.31
CA SER F 107 6.44 -20.76 -15.56
C SER F 107 7.17 -19.49 -15.18
N THR F 108 6.44 -18.38 -15.19
CA THR F 108 7.01 -17.11 -14.80
C THR F 108 5.92 -16.23 -14.21
N THR F 109 6.30 -15.44 -13.22
CA THR F 109 5.36 -14.56 -12.52
C THR F 109 6.17 -13.46 -11.84
N LYS F 110 5.46 -12.54 -11.20
CA LYS F 110 6.12 -11.54 -10.39
C LYS F 110 7.03 -12.21 -9.37
N THR F 111 8.20 -11.60 -9.15
CA THR F 111 9.13 -12.13 -8.16
C THR F 111 8.60 -11.85 -6.76
N SER F 112 8.59 -12.89 -5.92
CA SER F 112 8.03 -12.79 -4.59
C SER F 112 9.10 -12.45 -3.57
N GLY F 113 8.68 -11.75 -2.52
CA GLY F 113 9.58 -11.09 -1.61
C GLY F 113 9.19 -9.63 -1.56
N PRO F 114 9.57 -8.94 -0.47
CA PRO F 114 9.15 -7.53 -0.33
C PRO F 114 9.65 -6.70 -1.50
N ARG F 115 9.13 -5.48 -1.58
CA ARG F 115 9.51 -4.54 -2.61
C ARG F 115 9.97 -3.24 -1.95
N ALA F 116 11.01 -2.63 -2.53
CA ALA F 116 11.65 -1.45 -1.95
C ALA F 116 12.08 -0.49 -3.05
N ALA F 117 12.04 0.80 -2.75
CA ALA F 117 12.30 1.84 -3.73
C ALA F 117 13.79 1.95 -4.04
N PRO F 118 14.14 2.51 -5.20
CA PRO F 118 15.56 2.67 -5.55
C PRO F 118 16.04 4.12 -5.43
N GLU F 119 17.28 4.30 -4.98
CA GLU F 119 17.92 5.60 -4.95
C GLU F 119 18.80 5.76 -6.17
N VAL F 120 18.83 6.97 -6.73
CA VAL F 120 19.53 7.24 -7.98
C VAL F 120 20.56 8.35 -7.74
N TYR F 121 21.83 8.03 -8.03
CA TYR F 121 22.92 9.01 -7.96
C TYR F 121 23.57 9.12 -9.33
N ALA F 122 23.72 10.34 -9.81
CA ALA F 122 24.26 10.61 -11.15
C ALA F 122 25.60 11.33 -11.02
N PHE F 123 26.57 10.87 -11.78
CA PHE F 123 27.90 11.48 -11.78
C PHE F 123 28.51 11.47 -13.19
N LEU F 137 30.32 9.10 -18.20
CA LEU F 137 29.16 9.43 -17.39
C LEU F 137 28.35 8.18 -17.04
N ALA F 138 27.90 8.08 -15.80
CA ALA F 138 27.22 6.89 -15.30
C ALA F 138 26.11 7.28 -14.33
N CYS F 139 25.34 6.27 -13.91
CA CYS F 139 24.26 6.43 -12.95
C CYS F 139 24.24 5.23 -12.02
N LEU F 140 23.73 5.44 -10.81
CA LEU F 140 23.64 4.40 -9.80
C LEU F 140 22.19 4.19 -9.39
N ILE F 141 21.81 2.93 -9.22
CA ILE F 141 20.51 2.54 -8.67
C ILE F 141 20.77 1.45 -7.66
N GLN F 142 20.39 1.69 -6.40
CA GLN F 142 20.83 0.83 -5.32
C GLN F 142 19.76 0.72 -4.25
N ASN F 143 19.76 -0.40 -3.53
CA ASN F 143 18.85 -0.66 -2.43
C ASN F 143 17.39 -0.68 -2.90
N PHE F 144 17.12 -1.58 -3.85
CA PHE F 144 15.79 -1.73 -4.42
C PHE F 144 15.40 -3.20 -4.42
N MET F 145 14.09 -3.46 -4.34
CA MET F 145 13.58 -4.82 -4.33
C MET F 145 12.23 -4.90 -5.06
N PRO F 146 12.04 -5.92 -5.89
CA PRO F 146 13.06 -6.93 -6.21
C PRO F 146 14.07 -6.43 -7.22
N GLU F 147 14.94 -7.34 -7.68
CA GLU F 147 16.00 -6.94 -8.60
C GLU F 147 15.46 -6.47 -9.94
N ASP F 148 14.28 -6.95 -10.33
CA ASP F 148 13.71 -6.59 -11.62
C ASP F 148 13.58 -5.08 -11.77
N ILE F 149 14.42 -4.48 -12.60
CA ILE F 149 14.35 -3.04 -12.86
C ILE F 149 14.78 -2.79 -14.31
N SER F 150 14.42 -1.61 -14.81
CA SER F 150 14.83 -1.13 -16.12
C SER F 150 15.33 0.30 -15.96
N VAL F 151 15.98 0.82 -17.00
CA VAL F 151 16.65 2.11 -16.92
C VAL F 151 16.51 2.85 -18.25
N GLN F 152 16.35 4.17 -18.17
CA GLN F 152 16.33 5.03 -19.34
C GLN F 152 17.30 6.19 -19.13
N TRP F 153 17.78 6.75 -20.24
CA TRP F 153 18.56 7.98 -20.23
C TRP F 153 17.86 9.00 -21.10
N LEU F 154 17.66 10.20 -20.57
CA LEU F 154 16.90 11.24 -21.25
C LEU F 154 17.79 12.47 -21.49
N HIS F 155 17.70 13.01 -22.70
CA HIS F 155 18.45 14.19 -23.11
C HIS F 155 17.45 15.18 -23.73
N ASN F 156 17.51 16.42 -23.29
CA ASN F 156 16.48 17.42 -23.60
C ASN F 156 15.09 16.81 -23.49
N GLU F 157 14.92 15.86 -22.57
CA GLU F 157 13.64 15.18 -22.32
C GLU F 157 13.26 14.21 -23.44
N VAL F 158 14.26 13.58 -24.07
CA VAL F 158 14.02 12.59 -25.11
C VAL F 158 14.74 11.30 -24.72
N GLN F 159 14.33 10.20 -25.34
CA GLN F 159 14.91 8.88 -25.08
C GLN F 159 15.94 8.57 -26.16
N LEU F 160 17.21 8.74 -25.83
CA LEU F 160 18.27 8.27 -26.71
C LEU F 160 18.13 6.76 -26.87
N PRO F 161 18.50 6.22 -28.04
CA PRO F 161 18.35 4.78 -28.26
C PRO F 161 18.97 3.97 -27.12
N ASP F 162 18.33 2.84 -26.79
CA ASP F 162 18.82 2.03 -25.68
C ASP F 162 20.23 1.52 -25.96
N ALA F 163 20.56 1.27 -27.23
CA ALA F 163 21.83 0.65 -27.58
C ALA F 163 22.99 1.61 -27.36
N ARG F 164 22.73 2.73 -26.71
CA ARG F 164 23.77 3.71 -26.42
C ARG F 164 24.23 3.70 -24.97
N HIS F 165 23.45 3.12 -24.07
CA HIS F 165 23.84 3.01 -22.67
C HIS F 165 24.05 1.54 -22.31
N SER F 166 24.76 1.31 -21.21
CA SER F 166 25.02 -0.03 -20.70
C SER F 166 24.60 -0.08 -19.24
N THR F 167 23.82 -1.10 -18.88
CA THR F 167 23.31 -1.23 -17.52
C THR F 167 23.84 -2.51 -16.90
N THR F 168 24.29 -2.41 -15.65
CA THR F 168 24.86 -3.56 -14.95
C THR F 168 23.75 -4.49 -14.46
N GLN F 169 24.05 -5.79 -14.47
CA GLN F 169 23.12 -6.76 -13.92
C GLN F 169 22.98 -6.57 -12.42
N PRO F 170 21.79 -6.79 -11.88
CA PRO F 170 21.58 -6.53 -10.45
C PRO F 170 22.48 -7.42 -9.59
N ARG F 171 23.06 -6.82 -8.56
CA ARG F 171 23.93 -7.52 -7.63
C ARG F 171 23.57 -7.11 -6.20
N LYS F 172 23.92 -7.97 -5.25
CA LYS F 172 23.45 -7.86 -3.88
C LYS F 172 24.35 -6.96 -3.04
N THR F 173 23.77 -6.35 -2.01
CA THR F 173 24.45 -5.60 -0.98
C THR F 173 24.36 -6.38 0.33
N LYS F 174 24.61 -5.69 1.45
CA LYS F 174 24.33 -6.32 2.74
C LYS F 174 22.86 -6.17 3.11
N GLY F 175 22.29 -5.00 2.86
CA GLY F 175 20.84 -4.86 2.95
C GLY F 175 20.13 -5.70 1.93
N SER F 176 18.83 -5.88 2.13
CA SER F 176 18.06 -6.76 1.26
C SER F 176 17.97 -6.21 -0.16
N GLY F 177 18.18 -4.91 -0.37
CA GLY F 177 18.12 -4.36 -1.70
C GLY F 177 19.36 -4.62 -2.53
N PHE F 178 19.18 -4.54 -3.85
CA PHE F 178 20.25 -4.77 -4.80
C PHE F 178 20.78 -3.43 -5.31
N PHE F 179 21.68 -3.49 -6.30
CA PHE F 179 22.24 -2.28 -6.90
C PHE F 179 22.68 -2.58 -8.32
N VAL F 180 22.56 -1.58 -9.19
CA VAL F 180 23.00 -1.67 -10.57
C VAL F 180 23.71 -0.38 -10.95
N PHE F 181 24.36 -0.41 -12.10
CA PHE F 181 25.07 0.76 -12.64
C PHE F 181 24.75 0.88 -14.12
N SER F 182 24.45 2.10 -14.54
CA SER F 182 24.30 2.42 -15.96
C SER F 182 25.48 3.27 -16.41
N ARG F 183 25.71 3.28 -17.73
CA ARG F 183 26.86 3.99 -18.28
C ARG F 183 26.48 4.57 -19.64
N LEU F 184 26.84 5.84 -19.85
CA LEU F 184 26.57 6.52 -21.12
C LEU F 184 27.61 7.60 -21.33
N GLU F 185 28.33 7.51 -22.43
CA GLU F 185 29.33 8.51 -22.79
C GLU F 185 29.09 8.95 -24.23
N VAL F 186 29.19 10.26 -24.46
CA VAL F 186 28.95 10.84 -25.78
C VAL F 186 29.96 11.95 -26.03
N THR F 187 30.14 12.27 -27.30
CA THR F 187 30.98 13.41 -27.67
C THR F 187 30.36 14.68 -27.12
N ARG F 188 31.21 15.54 -26.53
CA ARG F 188 30.72 16.71 -25.83
C ARG F 188 30.11 17.71 -26.80
N ALA F 189 30.19 17.41 -28.10
CA ALA F 189 29.46 18.19 -29.08
C ALA F 189 27.95 18.07 -28.85
N GLU F 190 27.47 16.85 -28.56
CA GLU F 190 26.10 16.69 -28.11
C GLU F 190 25.87 17.36 -26.76
N TRP F 191 26.92 17.49 -25.96
CA TRP F 191 26.82 18.21 -24.69
C TRP F 191 26.80 19.72 -24.91
N GLU F 192 27.37 20.22 -26.01
CA GLU F 192 27.28 21.64 -26.31
C GLU F 192 25.84 22.04 -26.64
N GLN F 193 25.11 21.16 -27.34
CA GLN F 193 23.71 21.44 -27.64
C GLN F 193 22.85 21.41 -26.39
N LYS F 194 23.24 20.62 -25.39
CA LYS F 194 22.51 20.49 -24.13
C LYS F 194 23.40 19.82 -23.09
N ASP F 195 23.81 20.57 -22.05
CA ASP F 195 24.73 20.06 -21.03
C ASP F 195 24.02 19.40 -19.86
N GLU F 196 22.93 18.66 -20.12
CA GLU F 196 22.20 17.98 -19.07
C GLU F 196 21.70 16.63 -19.58
N PHE F 197 22.01 15.58 -18.85
CA PHE F 197 21.60 14.22 -19.20
C PHE F 197 20.86 13.61 -18.02
N ILE F 198 19.65 13.13 -18.27
CA ILE F 198 18.78 12.58 -17.22
C ILE F 198 18.67 11.08 -17.42
N CYS F 199 18.96 10.32 -16.36
CA CYS F 199 18.77 8.87 -16.35
C CYS F 199 17.64 8.53 -15.39
N ARG F 200 16.72 7.68 -15.86
CA ARG F 200 15.55 7.29 -15.08
C ARG F 200 15.59 5.80 -14.80
N ALA F 201 15.20 5.43 -13.59
CA ALA F 201 15.04 4.03 -13.19
C ALA F 201 13.55 3.75 -13.03
N VAL F 202 13.10 2.64 -13.62
CA VAL F 202 11.70 2.23 -13.56
C VAL F 202 11.61 0.98 -12.70
N HIS F 203 10.81 1.05 -11.64
CA HIS F 203 10.62 -0.07 -10.73
C HIS F 203 9.15 -0.10 -10.33
N GLU F 204 8.81 -0.97 -9.38
CA GLU F 204 7.44 -1.06 -8.88
C GLU F 204 7.29 -0.54 -7.46
N ALA F 205 8.40 -0.29 -6.75
CA ALA F 205 8.30 0.13 -5.36
C ALA F 205 8.06 1.63 -5.24
N ALA F 206 8.94 2.43 -5.82
CA ALA F 206 8.72 3.87 -5.84
C ALA F 206 7.38 4.19 -6.50
N SER F 207 6.73 5.24 -6.00
CA SER F 207 5.39 5.58 -6.48
C SER F 207 5.27 7.05 -6.88
N PRO F 208 4.46 7.33 -7.91
CA PRO F 208 3.75 6.31 -8.69
C PRO F 208 4.55 5.85 -9.90
N SER F 209 4.42 4.58 -10.29
CA SER F 209 5.11 3.97 -11.41
C SER F 209 6.64 3.96 -11.23
N GLN F 210 7.16 4.49 -10.13
CA GLN F 210 8.60 4.52 -9.84
C GLN F 210 9.38 5.21 -10.95
N THR F 211 8.79 6.23 -11.59
CA THR F 211 9.48 6.97 -12.63
C THR F 211 10.52 7.90 -12.01
N VAL F 212 11.38 7.34 -11.16
CA VAL F 212 12.44 8.13 -10.52
C VAL F 212 13.45 8.58 -11.56
N GLN F 213 13.96 9.80 -11.40
CA GLN F 213 14.86 10.38 -12.39
C GLN F 213 15.84 11.33 -11.71
N ARG F 214 17.03 11.43 -12.29
CA ARG F 214 18.08 12.34 -11.83
C ARG F 214 18.91 12.74 -13.05
N ALA F 215 19.76 13.76 -12.87
CA ALA F 215 20.50 14.23 -14.04
C ALA F 215 21.38 15.42 -13.70
N VAL F 216 22.32 15.70 -14.60
CA VAL F 216 22.99 17.00 -14.72
C VAL F 216 23.84 16.99 -15.99
#